data_8Z2E
#
_entry.id   8Z2E
#
_cell.length_a   88.142
_cell.length_b   89.747
_cell.length_c   127.345
_cell.angle_alpha   90.00
_cell.angle_beta   90.00
_cell.angle_gamma   90.00
#
_symmetry.space_group_name_H-M   'P 21 21 21'
#
loop_
_entity.id
_entity.type
_entity.pdbx_description
1 polymer Tnb04-1
2 polymer 'Spike protein S1'
3 polymer 1F11-H
4 polymer 1F11-L
5 branched 2-acetamido-2-deoxy-beta-D-glucopyranose-(1-4)-2-acetamido-2-deoxy-beta-D-glucopyranose
6 water water
#
loop_
_entity_poly.entity_id
_entity_poly.type
_entity_poly.pdbx_seq_one_letter_code
_entity_poly.pdbx_strand_id
1 'polypeptide(L)'
;EVQLQESGGGLVQPGGSLRLSCAASGSISTLNVMGWYRQAPGKQRELVARITLDGRPEYADSVKGRFTITKDGAQSTLYL
QMNNLKPEDTAVYFCKLENGGFFYYWGQGTQVTVSS
;
B
2 'polypeptide(L)'
;RVQPTESIVRFPNITNLCPFGEVFNATRFASVYAWNRKRISNCVADYSVLYNSASFSTFKCYGVSPTKLNDLCFTNVYAD
SFVIRGDEVRQIAPGQTGKIADYNYKLPDDFTGCVIAWNSNNLDSKVGGNYNYLYRLFRKSNLKPFERDISTEIYQAGST
PCNGVEGFNCYFPLQSYGFQPTNGVGYQPYRVVVLSFELLHAPATVCGPKKHHHHHH
;
E
3 'polypeptide(L)'
;EVQLVESGGGLVQPGGSLRLSCAASGITVSSNYMNWVRQAPGKGLEWVSLIYSGGSTYYADSVKGRFTISRDNSKNTLYL
QMNSLRAEDTAVYHCARDLVVYGMDVWGQGTTVTVSSASTKGPSVFPLAPSSKSTSGGTAALGCLVKDYFPEPVTVSWNS
GALTSGVHTFPAVLQSSGLYSLSSVVTVPSSSLGTQTYICNVNHKPSNTKVDKKVEP
;
H
4 'polypeptide(L)'
;EIVLTQSPGTLSLSPGERATLSCRASQSVSSSYLAWYQQKPGQAPRLLIYGASSRATGIPDRFSGSGSGTDFTLTISRLE
PEDFAVYYCQQYGSSPTFGQGTKLEIKRTVAAPSVFIFPPSDEQLKSGTASVVCLLNNFYPREAKVQWKVDNALQSGNSQ
ESVTEQDSKDSTYSLSSTLTLSKADYEKHKVYACEVTHQGLSSPVTKSFNRGEC
;
L
#
loop_
_chem_comp.id
_chem_comp.type
_chem_comp.name
_chem_comp.formula
NAG D-saccharide, beta linking 2-acetamido-2-deoxy-beta-D-glucopyranose 'C8 H15 N O6'
#
# COMPACT_ATOMS: atom_id res chain seq x y z
N GLU A 1 26.37 22.59 -22.83
CA GLU A 1 27.53 23.19 -22.18
C GLU A 1 28.81 23.11 -23.01
N VAL A 2 28.99 22.01 -23.74
CA VAL A 2 30.17 21.82 -24.59
C VAL A 2 29.72 21.35 -25.96
N GLN A 3 30.14 22.06 -27.00
CA GLN A 3 29.91 21.64 -28.38
C GLN A 3 31.25 21.41 -29.09
N LEU A 4 31.28 20.39 -29.93
CA LEU A 4 32.47 19.96 -30.66
C LEU A 4 32.16 19.95 -32.14
N GLN A 5 32.97 20.67 -32.92
CA GLN A 5 32.82 20.76 -34.37
C GLN A 5 34.07 20.16 -35.03
N GLU A 6 33.86 19.15 -35.85
CA GLU A 6 34.91 18.36 -36.50
C GLU A 6 35.01 18.77 -37.97
N SER A 7 36.23 18.80 -38.50
CA SER A 7 36.40 19.00 -39.93
C SER A 7 37.74 18.42 -40.36
N GLY A 8 37.90 18.26 -41.69
CA GLY A 8 39.17 17.91 -42.27
C GLY A 8 39.26 16.55 -42.93
N GLY A 9 38.16 15.79 -43.03
CA GLY A 9 38.22 14.43 -43.53
C GLY A 9 37.92 14.33 -45.03
N GLY A 10 37.72 13.09 -45.48
CA GLY A 10 37.43 12.77 -46.86
C GLY A 10 38.27 11.60 -47.34
N LEU A 11 38.39 11.49 -48.68
CA LEU A 11 39.05 10.36 -49.31
C LEU A 11 40.43 10.79 -49.83
N VAL A 12 41.45 10.04 -49.46
CA VAL A 12 42.79 10.26 -50.00
C VAL A 12 43.36 8.92 -50.42
N GLN A 13 44.43 8.98 -51.21
CA GLN A 13 45.18 7.82 -51.63
C GLN A 13 46.22 7.45 -50.56
N PRO A 14 46.62 6.18 -50.52
CA PRO A 14 47.69 5.78 -49.61
C PRO A 14 48.93 6.64 -49.80
N GLY A 15 49.57 6.99 -48.70
CA GLY A 15 50.69 7.90 -48.72
C GLY A 15 50.30 9.35 -48.51
N GLY A 16 49.04 9.70 -48.76
CA GLY A 16 48.55 11.05 -48.60
C GLY A 16 48.47 11.48 -47.15
N SER A 17 47.97 12.71 -46.97
CA SER A 17 47.93 13.43 -45.72
C SER A 17 46.57 14.08 -45.49
N LEU A 18 46.19 14.18 -44.21
CA LEU A 18 45.00 14.91 -43.80
C LEU A 18 45.31 15.65 -42.51
N ARG A 19 44.51 16.66 -42.21
CA ARG A 19 44.53 17.25 -40.88
C ARG A 19 43.10 17.33 -40.37
N LEU A 20 42.87 16.74 -39.20
CA LEU A 20 41.58 16.79 -38.54
C LEU A 20 41.56 17.92 -37.52
N SER A 21 40.44 18.63 -37.46
CA SER A 21 40.24 19.67 -36.46
C SER A 21 38.97 19.42 -35.65
N CYS A 22 39.10 19.60 -34.34
CA CYS A 22 38.00 19.55 -33.38
C CYS A 22 37.98 20.89 -32.66
N ALA A 23 36.98 21.70 -32.98
CA ALA A 23 36.82 23.03 -32.37
C ALA A 23 35.87 22.91 -31.18
N ALA A 24 36.38 23.23 -29.99
CA ALA A 24 35.62 23.06 -28.76
C ALA A 24 35.11 24.42 -28.29
N SER A 25 33.79 24.54 -28.17
CA SER A 25 33.17 25.75 -27.65
C SER A 25 32.26 25.43 -26.46
N GLY A 26 31.90 26.48 -25.72
CA GLY A 26 31.02 26.37 -24.58
C GLY A 26 31.72 26.63 -23.26
N SER A 27 31.18 26.03 -22.20
CA SER A 27 31.69 26.18 -20.83
C SER A 27 32.57 24.99 -20.52
N ILE A 28 33.88 25.20 -20.51
CA ILE A 28 34.87 24.14 -20.41
C ILE A 28 35.76 24.42 -19.22
N SER A 29 35.92 23.43 -18.36
CA SER A 29 36.78 23.61 -17.21
C SER A 29 38.24 23.71 -17.64
N THR A 30 39.04 24.39 -16.82
CA THR A 30 40.47 24.35 -17.03
C THR A 30 41.00 22.93 -16.96
N LEU A 31 40.32 22.03 -16.25
CA LEU A 31 40.67 20.62 -16.21
C LEU A 31 39.85 19.92 -17.28
N ASN A 32 40.47 19.65 -18.42
CA ASN A 32 39.81 18.90 -19.48
C ASN A 32 40.87 18.17 -20.29
N VAL A 33 40.44 17.11 -20.96
CA VAL A 33 41.31 16.30 -21.80
C VAL A 33 40.59 16.09 -23.12
N MET A 34 41.27 16.39 -24.22
CA MET A 34 40.72 16.14 -25.55
C MET A 34 41.52 15.05 -26.23
N GLY A 35 40.84 14.26 -27.04
CA GLY A 35 41.51 13.20 -27.78
C GLY A 35 40.76 12.90 -29.05
N TRP A 36 41.45 12.20 -29.93
CA TRP A 36 40.88 11.73 -31.18
C TRP A 36 40.76 10.21 -31.13
N TYR A 37 39.61 9.70 -31.56
CA TYR A 37 39.28 8.29 -31.58
C TYR A 37 38.83 7.92 -32.99
N ARG A 38 38.77 6.61 -33.27
CA ARG A 38 38.25 6.18 -34.56
C ARG A 38 37.50 4.87 -34.41
N GLN A 39 36.63 4.60 -35.38
CA GLN A 39 35.81 3.39 -35.40
C GLN A 39 35.83 2.84 -36.83
N ALA A 40 36.69 1.84 -37.08
CA ALA A 40 36.68 1.14 -38.34
C ALA A 40 35.35 0.41 -38.49
N PRO A 41 34.97 0.06 -39.71
CA PRO A 41 33.66 -0.58 -39.90
C PRO A 41 33.58 -1.94 -39.23
N GLY A 42 32.53 -2.14 -38.45
CA GLY A 42 32.37 -3.41 -37.73
C GLY A 42 33.41 -3.69 -36.67
N LYS A 43 34.06 -2.65 -36.13
CA LYS A 43 35.01 -2.80 -35.03
C LYS A 43 34.61 -1.85 -33.91
N GLN A 44 35.35 -1.92 -32.82
CA GLN A 44 35.08 -1.10 -31.65
C GLN A 44 35.91 0.19 -31.69
N ARG A 45 35.37 1.22 -31.04
CA ARG A 45 36.07 2.50 -30.98
C ARG A 45 37.39 2.38 -30.23
N GLU A 46 38.38 3.00 -30.86
CA GLU A 46 39.72 3.00 -30.29
C GLU A 46 40.30 4.41 -30.26
N LEU A 47 41.02 4.72 -29.21
CA LEU A 47 41.83 5.91 -29.08
C LEU A 47 42.91 5.92 -30.16
N VAL A 48 43.09 7.07 -30.79
CA VAL A 48 44.15 7.31 -31.78
C VAL A 48 45.27 8.13 -31.17
N ALA A 49 44.95 9.30 -30.65
CA ALA A 49 45.91 10.17 -30.00
C ALA A 49 45.13 11.15 -29.14
N ARG A 50 45.79 11.62 -28.07
CA ARG A 50 45.18 12.59 -27.17
C ARG A 50 46.30 13.41 -26.53
N ILE A 51 45.93 14.59 -26.02
CA ILE A 51 46.82 15.41 -25.18
C ILE A 51 46.42 15.23 -23.72
N THR A 52 47.32 14.67 -22.91
CA THR A 52 47.03 14.51 -21.49
C THR A 52 46.95 15.88 -20.81
N LEU A 53 46.57 15.85 -19.52
CA LEU A 53 46.49 17.07 -18.73
C LEU A 53 47.84 17.76 -18.61
N ASP A 54 48.93 16.99 -18.68
CA ASP A 54 50.28 17.53 -18.63
C ASP A 54 50.66 18.29 -19.89
N GLY A 55 49.82 18.28 -20.91
CA GLY A 55 50.22 18.77 -22.22
C GLY A 55 50.99 17.75 -23.02
N ARG A 56 51.15 16.54 -22.52
CA ARG A 56 52.00 15.56 -23.17
C ARG A 56 51.16 14.71 -24.14
N PRO A 57 51.55 14.57 -25.40
CA PRO A 57 50.73 13.79 -26.34
C PRO A 57 50.91 12.30 -26.13
N GLU A 58 49.84 11.54 -26.39
CA GLU A 58 49.87 10.09 -26.27
C GLU A 58 49.25 9.48 -27.52
N TYR A 59 49.92 8.46 -28.07
CA TYR A 59 49.57 7.92 -29.39
C TYR A 59 49.30 6.43 -29.29
N ALA A 60 48.29 5.98 -30.02
CA ALA A 60 48.14 4.56 -30.26
C ALA A 60 49.38 4.05 -30.98
N ASP A 61 49.62 2.74 -30.87
CA ASP A 61 50.83 2.16 -31.44
C ASP A 61 50.80 2.18 -32.97
N SER A 62 49.66 1.84 -33.57
CA SER A 62 49.54 1.77 -35.01
C SER A 62 49.76 3.10 -35.71
N VAL A 63 49.70 4.23 -35.00
CA VAL A 63 49.88 5.54 -35.63
C VAL A 63 51.14 6.27 -35.18
N LYS A 64 51.87 5.74 -34.20
CA LYS A 64 53.03 6.46 -33.70
C LYS A 64 54.08 6.56 -34.81
N GLY A 65 54.74 7.71 -34.91
CA GLY A 65 55.66 7.97 -36.00
C GLY A 65 55.04 8.46 -37.29
N ARG A 66 53.71 8.54 -37.36
CA ARG A 66 52.94 8.99 -38.52
C ARG A 66 52.00 10.13 -38.21
N PHE A 67 51.40 10.16 -37.02
CA PHE A 67 50.42 11.15 -36.64
C PHE A 67 51.02 12.08 -35.59
N THR A 68 50.60 13.34 -35.63
CA THR A 68 51.04 14.35 -34.68
C THR A 68 49.80 15.08 -34.20
N ILE A 69 49.60 15.11 -32.88
CA ILE A 69 48.43 15.74 -32.28
C ILE A 69 48.90 16.97 -31.51
N THR A 70 48.19 18.08 -31.71
CA THR A 70 48.53 19.34 -31.05
C THR A 70 47.24 20.02 -30.60
N LYS A 71 47.38 20.90 -29.62
CA LYS A 71 46.25 21.65 -29.09
C LYS A 71 46.59 23.13 -29.13
N ASP A 72 45.81 23.87 -29.91
CA ASP A 72 45.91 25.34 -30.01
C ASP A 72 44.96 25.91 -28.97
N GLY A 73 45.50 26.26 -27.79
CA GLY A 73 44.65 26.70 -26.70
C GLY A 73 43.83 27.94 -27.02
N ALA A 74 44.35 28.81 -27.89
CA ALA A 74 43.65 30.05 -28.21
C ALA A 74 42.30 29.79 -28.85
N GLN A 75 42.25 28.89 -29.84
CA GLN A 75 41.01 28.47 -30.47
C GLN A 75 40.39 27.26 -29.78
N SER A 76 40.99 26.78 -28.69
CA SER A 76 40.59 25.55 -27.99
C SER A 76 40.25 24.45 -28.99
N THR A 77 41.15 24.30 -29.97
CA THR A 77 40.98 23.35 -31.06
C THR A 77 42.07 22.30 -30.99
N LEU A 78 41.72 21.09 -31.41
CA LEU A 78 42.59 19.92 -31.33
C LEU A 78 42.88 19.41 -32.74
N TYR A 79 44.15 19.29 -33.07
CA TYR A 79 44.60 19.00 -34.43
C TYR A 79 45.21 17.61 -34.51
N LEU A 80 44.79 16.83 -35.49
CA LEU A 80 45.40 15.53 -35.77
C LEU A 80 46.00 15.59 -37.19
N GLN A 81 47.31 15.79 -37.24
CA GLN A 81 48.07 15.77 -38.49
C GLN A 81 48.36 14.31 -38.83
N MET A 82 47.78 13.82 -39.92
CA MET A 82 47.93 12.43 -40.34
C MET A 82 48.80 12.37 -41.60
N ASN A 83 50.03 11.89 -41.43
CA ASN A 83 50.93 11.60 -42.54
C ASN A 83 50.87 10.12 -42.91
N ASN A 84 51.28 9.83 -44.13
CA ASN A 84 51.58 8.48 -44.59
C ASN A 84 50.41 7.53 -44.37
N LEU A 85 49.23 7.97 -44.79
CA LEU A 85 48.00 7.24 -44.52
C LEU A 85 47.96 5.91 -45.24
N LYS A 86 47.31 4.94 -44.60
CA LYS A 86 47.23 3.55 -45.00
C LYS A 86 45.76 3.15 -45.05
N PRO A 87 45.39 2.21 -45.92
CA PRO A 87 43.98 1.80 -45.98
C PRO A 87 43.42 1.39 -44.62
N GLU A 88 44.24 0.75 -43.77
CA GLU A 88 43.75 0.37 -42.45
C GLU A 88 43.49 1.58 -41.54
N ASP A 89 43.83 2.79 -41.98
CA ASP A 89 43.44 3.99 -41.24
C ASP A 89 42.01 4.43 -41.55
N THR A 90 41.34 3.75 -42.47
CA THR A 90 39.97 4.11 -42.81
C THR A 90 39.03 3.83 -41.64
N ALA A 91 38.21 4.81 -41.29
CA ALA A 91 37.34 4.75 -40.11
C ALA A 91 36.52 6.03 -40.06
N VAL A 92 35.55 6.06 -39.16
CA VAL A 92 34.95 7.32 -38.72
C VAL A 92 35.73 7.77 -37.49
N TYR A 93 36.25 9.00 -37.55
CA TYR A 93 37.06 9.58 -36.48
C TYR A 93 36.19 10.48 -35.62
N PHE A 94 36.35 10.37 -34.30
CA PHE A 94 35.57 11.17 -33.35
C PHE A 94 36.52 11.88 -32.40
N CYS A 95 36.21 13.13 -32.06
CA CYS A 95 36.95 13.76 -30.97
C CYS A 95 36.10 13.74 -29.70
N LYS A 96 36.79 13.69 -28.58
CA LYS A 96 36.21 13.55 -27.25
C LYS A 96 36.74 14.68 -26.38
N LEU A 97 35.85 15.30 -25.60
CA LEU A 97 36.25 16.27 -24.59
C LEU A 97 35.77 15.77 -23.24
N GLU A 98 36.70 15.51 -22.34
CA GLU A 98 36.37 15.11 -20.98
C GLU A 98 36.41 16.36 -20.11
N ASN A 99 35.25 16.79 -19.61
CA ASN A 99 35.13 18.07 -18.92
C ASN A 99 35.15 17.88 -17.41
N GLY A 100 36.19 18.39 -16.77
CA GLY A 100 36.25 18.40 -15.31
C GLY A 100 36.33 17.04 -14.65
N GLY A 101 36.30 15.96 -15.41
CA GLY A 101 36.39 14.63 -14.86
C GLY A 101 35.03 14.00 -14.62
N PHE A 102 33.94 14.72 -14.89
CA PHE A 102 32.60 14.25 -14.58
C PHE A 102 31.75 13.96 -15.81
N PHE A 103 31.92 14.72 -16.90
CA PHE A 103 31.18 14.45 -18.14
C PHE A 103 32.13 14.39 -19.32
N TYR A 104 31.66 13.77 -20.40
CA TYR A 104 32.38 13.82 -21.66
C TYR A 104 31.39 14.06 -22.78
N TYR A 105 31.94 14.47 -23.93
CA TYR A 105 31.16 14.87 -25.10
C TYR A 105 31.87 14.37 -26.34
N TRP A 106 31.08 13.86 -27.29
CA TRP A 106 31.59 13.32 -28.56
C TRP A 106 31.20 14.24 -29.70
N GLY A 107 32.07 14.30 -30.74
CA GLY A 107 31.71 14.94 -31.99
C GLY A 107 30.82 14.05 -32.85
N GLN A 108 30.32 14.63 -33.95
CA GLN A 108 29.41 13.90 -34.84
C GLN A 108 30.08 12.76 -35.58
N GLY A 109 31.39 12.80 -35.78
CA GLY A 109 32.05 11.72 -36.49
C GLY A 109 32.41 12.07 -37.92
N THR A 110 33.68 11.86 -38.28
CA THR A 110 34.25 12.36 -39.52
C THR A 110 34.79 11.18 -40.32
N GLN A 111 34.25 10.99 -41.52
CA GLN A 111 34.72 9.89 -42.36
C GLN A 111 36.11 10.18 -42.93
N VAL A 112 37.03 9.24 -42.76
CA VAL A 112 38.32 9.24 -43.42
C VAL A 112 38.43 7.96 -44.22
N THR A 113 38.89 8.06 -45.45
CA THR A 113 38.97 6.89 -46.32
C THR A 113 40.31 6.94 -47.02
N VAL A 114 41.09 5.86 -46.93
CA VAL A 114 42.38 5.76 -47.61
C VAL A 114 42.28 4.61 -48.60
N SER A 115 42.28 4.94 -49.89
CA SER A 115 42.10 3.98 -50.97
C SER A 115 42.59 4.60 -52.27
N SER A 116 42.95 3.74 -53.22
CA SER A 116 43.47 4.22 -54.51
C SER A 116 42.41 4.08 -55.61
N THR B 15 48.08 14.85 -12.96
CA THR B 15 48.59 14.08 -14.08
C THR B 15 47.45 13.32 -14.81
N ASN B 16 46.53 12.71 -14.07
CA ASN B 16 45.37 12.02 -14.63
C ASN B 16 44.09 12.77 -14.28
N LEU B 17 43.15 12.81 -15.23
CA LEU B 17 41.81 13.32 -14.99
C LEU B 17 40.91 12.19 -14.49
N CYS B 18 40.16 12.44 -13.41
CA CYS B 18 39.32 11.39 -12.78
C CYS B 18 38.23 10.85 -13.73
N PRO B 19 37.97 9.53 -13.74
CA PRO B 19 37.00 8.94 -14.65
C PRO B 19 35.52 8.88 -14.23
N PHE B 20 35.03 9.90 -13.54
CA PHE B 20 33.62 9.93 -13.07
C PHE B 20 32.69 9.94 -14.28
N GLY B 21 33.20 10.35 -15.44
CA GLY B 21 32.34 10.40 -16.61
C GLY B 21 31.88 9.05 -17.08
N GLU B 22 32.68 8.01 -16.87
CA GLU B 22 32.21 6.65 -17.12
C GLU B 22 30.91 6.37 -16.36
N VAL B 23 30.75 6.98 -15.18
CA VAL B 23 29.56 6.72 -14.36
C VAL B 23 28.40 7.61 -14.79
N PHE B 24 28.60 8.94 -14.84
CA PHE B 24 27.48 9.86 -15.07
C PHE B 24 26.94 9.81 -16.50
N ASN B 25 27.80 9.49 -17.49
CA ASN B 25 27.39 9.42 -18.88
C ASN B 25 27.16 8.00 -19.38
N ALA B 26 27.12 7.01 -18.49
CA ALA B 26 26.88 5.64 -18.94
C ALA B 26 25.54 5.53 -19.65
N THR B 27 25.51 4.74 -20.72
CA THR B 27 24.27 4.58 -21.49
C THR B 27 23.18 3.94 -20.64
N ARG B 28 23.49 2.84 -19.98
CA ARG B 28 22.55 2.12 -19.13
C ARG B 28 23.12 2.06 -17.72
N PHE B 29 22.24 2.05 -16.72
CA PHE B 29 22.64 1.96 -15.33
C PHE B 29 22.36 0.56 -14.80
N ALA B 30 22.96 0.24 -13.66
CA ALA B 30 22.74 -1.06 -13.04
C ALA B 30 21.40 -1.12 -12.34
N SER B 31 20.86 -2.33 -12.21
CA SER B 31 19.78 -2.58 -11.26
C SER B 31 20.31 -2.39 -9.86
N VAL B 32 19.45 -1.88 -8.97
CA VAL B 32 19.92 -1.49 -7.64
C VAL B 32 20.45 -2.69 -6.87
N TYR B 33 19.84 -3.87 -7.05
CA TYR B 33 20.32 -5.02 -6.28
C TYR B 33 21.73 -5.40 -6.69
N ALA B 34 22.08 -5.19 -7.96
CA ALA B 34 23.39 -5.47 -8.52
C ALA B 34 24.12 -4.17 -8.81
N TRP B 35 24.16 -3.26 -7.83
CA TRP B 35 24.62 -1.90 -8.07
C TRP B 35 26.10 -1.84 -8.46
N ASN B 36 26.43 -0.95 -9.42
CA ASN B 36 27.80 -0.76 -9.87
C ASN B 36 28.61 0.05 -8.88
N ARG B 37 29.92 -0.20 -8.85
CA ARG B 37 30.83 0.61 -8.05
C ARG B 37 32.08 0.87 -8.87
N LYS B 38 32.42 2.14 -9.10
CA LYS B 38 33.69 2.51 -9.71
C LYS B 38 34.62 3.11 -8.67
N ARG B 39 35.84 2.59 -8.60
CA ARG B 39 36.87 3.06 -7.67
C ARG B 39 37.75 4.11 -8.35
N ILE B 40 37.79 5.31 -7.77
CA ILE B 40 38.53 6.46 -8.30
C ILE B 40 39.80 6.63 -7.46
N SER B 41 40.94 6.75 -8.13
CA SER B 41 42.23 6.93 -7.46
C SER B 41 43.19 7.63 -8.42
N ASN B 42 44.28 8.18 -7.85
CA ASN B 42 45.38 8.82 -8.58
C ASN B 42 44.90 9.70 -9.72
N CYS B 43 44.20 10.78 -9.42
CA CYS B 43 43.66 11.64 -10.46
C CYS B 43 43.16 12.94 -9.84
N VAL B 44 42.85 13.91 -10.69
CA VAL B 44 42.31 15.18 -10.25
C VAL B 44 40.95 15.37 -10.91
N ALA B 45 40.09 16.14 -10.25
CA ALA B 45 38.76 16.40 -10.80
C ALA B 45 38.33 17.78 -10.37
N ASP B 46 37.42 18.38 -11.15
CA ASP B 46 36.86 19.69 -10.84
C ASP B 46 35.39 19.48 -10.45
N TYR B 47 35.12 19.51 -9.15
CA TYR B 47 33.78 19.19 -8.67
C TYR B 47 32.76 20.24 -9.07
N SER B 48 33.21 21.44 -9.43
CA SER B 48 32.29 22.49 -9.83
C SER B 48 31.64 22.18 -11.17
N VAL B 49 32.30 21.39 -12.01
CA VAL B 49 31.65 20.91 -13.24
C VAL B 49 30.43 20.08 -12.89
N LEU B 50 30.54 19.26 -11.84
CA LEU B 50 29.39 18.46 -11.39
C LEU B 50 28.31 19.35 -10.78
N TYR B 51 28.64 20.12 -9.72
CA TYR B 51 27.53 20.83 -9.10
C TYR B 51 27.03 22.07 -9.83
N ASN B 52 27.71 22.60 -10.85
CA ASN B 52 27.14 23.74 -11.54
C ASN B 52 26.36 23.37 -12.80
N SER B 53 25.89 22.13 -12.91
CA SER B 53 25.15 21.72 -14.09
C SER B 53 23.64 21.67 -13.88
N ALA B 54 23.13 22.11 -12.72
CA ALA B 54 21.70 22.03 -12.38
C ALA B 54 21.35 20.55 -12.48
N SER B 55 20.31 20.16 -13.21
CA SER B 55 20.15 18.79 -13.69
C SER B 55 19.74 17.78 -12.62
N PHE B 56 20.00 18.06 -11.34
CA PHE B 56 19.84 17.08 -10.27
C PHE B 56 18.59 17.33 -9.44
N SER B 57 17.76 16.30 -9.29
CA SER B 57 16.63 16.40 -8.37
C SER B 57 17.05 16.23 -6.91
N THR B 58 18.20 15.62 -6.65
CA THR B 58 18.73 15.46 -5.31
C THR B 58 20.23 15.69 -5.35
N PHE B 59 20.77 16.39 -4.37
CA PHE B 59 22.24 16.58 -4.21
C PHE B 59 22.48 16.87 -2.73
N LYS B 60 22.73 15.83 -1.94
CA LYS B 60 22.86 16.00 -0.48
C LYS B 60 24.18 15.41 0.00
N CYS B 61 24.93 16.17 0.80
CA CYS B 61 26.21 15.67 1.26
C CYS B 61 26.19 15.51 2.78
N TYR B 62 27.08 14.65 3.26
CA TYR B 62 27.16 14.25 4.66
C TYR B 62 28.63 14.21 5.02
N GLY B 63 29.01 14.91 6.09
CA GLY B 63 30.40 14.98 6.47
C GLY B 63 31.31 15.78 5.56
N VAL B 64 30.80 16.32 4.44
CA VAL B 64 31.56 17.18 3.54
C VAL B 64 30.64 18.25 2.99
N SER B 65 31.22 19.38 2.58
CA SER B 65 30.39 20.36 1.90
C SER B 65 30.65 20.35 0.39
N PRO B 66 29.63 20.42 -0.45
CA PRO B 66 29.89 20.34 -1.91
C PRO B 66 30.79 21.46 -2.41
N THR B 67 30.48 22.71 -2.05
CA THR B 67 31.24 23.88 -2.49
C THR B 67 32.67 23.88 -1.94
N LYS B 68 32.99 22.97 -1.02
CA LYS B 68 34.34 22.84 -0.50
C LYS B 68 35.15 21.77 -1.23
N LEU B 69 34.48 20.85 -1.94
CA LEU B 69 35.13 19.64 -2.45
C LEU B 69 36.41 19.90 -3.24
N ASN B 70 36.46 20.99 -4.01
CA ASN B 70 37.65 21.25 -4.81
C ASN B 70 38.90 21.51 -3.97
N ASP B 71 38.78 21.77 -2.67
CA ASP B 71 39.94 22.00 -1.82
C ASP B 71 40.41 20.74 -1.11
N LEU B 72 39.87 19.57 -1.46
CA LEU B 72 40.10 18.36 -0.66
C LEU B 72 40.82 17.31 -1.50
N CYS B 73 41.62 16.50 -0.83
CA CYS B 73 42.18 15.28 -1.40
C CYS B 73 41.75 14.09 -0.56
N PHE B 74 41.45 12.97 -1.22
CA PHE B 74 41.07 11.75 -0.53
C PHE B 74 41.91 10.58 -1.03
N THR B 75 42.02 9.54 -0.18
CA THR B 75 42.79 8.36 -0.55
C THR B 75 42.14 7.68 -1.74
N ASN B 76 40.85 7.44 -1.67
CA ASN B 76 40.07 6.91 -2.77
C ASN B 76 38.71 7.58 -2.76
N VAL B 77 38.02 7.48 -3.89
CA VAL B 77 36.62 7.86 -3.96
C VAL B 77 35.86 6.73 -4.66
N TYR B 78 34.75 6.30 -4.07
CA TYR B 78 33.90 5.31 -4.70
C TYR B 78 32.70 6.00 -5.32
N ALA B 79 32.29 5.53 -6.48
CA ALA B 79 31.16 6.10 -7.21
C ALA B 79 30.23 4.94 -7.53
N ASP B 80 29.20 4.79 -6.69
CA ASP B 80 28.22 3.72 -6.82
C ASP B 80 27.05 4.24 -7.64
N SER B 81 26.48 3.38 -8.48
CA SER B 81 25.41 3.90 -9.32
C SER B 81 24.39 2.80 -9.61
N PHE B 82 23.15 3.22 -9.83
CA PHE B 82 22.01 2.31 -9.96
C PHE B 82 20.75 3.12 -10.21
N VAL B 83 19.66 2.42 -10.54
CA VAL B 83 18.37 3.03 -10.77
C VAL B 83 17.37 2.52 -9.73
N ILE B 84 16.67 3.47 -9.10
CA ILE B 84 15.55 3.17 -8.24
C ILE B 84 14.43 4.11 -8.60
N ARG B 85 13.29 3.81 -7.99
CA ARG B 85 12.10 4.59 -8.22
C ARG B 85 12.22 5.93 -7.46
N GLY B 86 11.61 6.99 -8.00
CA GLY B 86 11.69 8.30 -7.36
C GLY B 86 11.25 8.29 -5.90
N ASP B 87 10.23 7.48 -5.58
CA ASP B 87 9.80 7.23 -4.20
C ASP B 87 10.94 6.88 -3.28
N GLU B 88 11.95 6.21 -3.82
CA GLU B 88 12.88 5.47 -2.99
C GLU B 88 14.18 6.19 -2.75
N VAL B 89 14.40 7.33 -3.42
CA VAL B 89 15.65 8.07 -3.27
C VAL B 89 15.85 8.50 -1.84
N ARG B 90 14.76 8.79 -1.12
CA ARG B 90 14.85 9.08 0.30
C ARG B 90 15.54 7.97 1.10
N GLN B 91 15.48 6.72 0.60
CA GLN B 91 16.14 5.63 1.33
C GLN B 91 17.66 5.66 1.17
N ILE B 92 18.20 6.34 0.14
CA ILE B 92 19.65 6.42 -0.04
C ILE B 92 20.20 7.54 0.85
N ALA B 93 20.26 7.26 2.15
CA ALA B 93 20.65 8.22 3.18
C ALA B 93 20.99 7.44 4.46
N PRO B 94 21.91 7.91 5.29
CA PRO B 94 22.21 7.18 6.53
C PRO B 94 20.97 6.98 7.38
N GLY B 95 20.90 5.84 8.05
CA GLY B 95 19.86 5.58 9.04
C GLY B 95 18.47 5.33 8.49
N GLN B 96 18.34 4.82 7.27
CA GLN B 96 17.04 4.58 6.66
C GLN B 96 16.65 3.10 6.72
N THR B 97 15.35 2.86 6.52
CA THR B 97 14.79 1.53 6.36
C THR B 97 13.85 1.54 5.16
N GLY B 98 13.45 0.35 4.74
CA GLY B 98 12.70 0.16 3.52
C GLY B 98 13.30 -0.95 2.69
N LYS B 99 12.56 -1.32 1.63
CA LYS B 99 13.03 -2.41 0.78
C LYS B 99 14.41 -2.10 0.19
N ILE B 100 14.65 -0.84 -0.19
CA ILE B 100 15.93 -0.50 -0.81
C ILE B 100 17.03 -0.47 0.24
N ALA B 101 16.84 0.33 1.30
CA ALA B 101 17.89 0.44 2.31
C ALA B 101 18.14 -0.91 3.02
N ASP B 102 17.12 -1.74 3.19
CA ASP B 102 17.37 -2.98 3.94
C ASP B 102 17.93 -4.08 3.06
N TYR B 103 17.42 -4.21 1.83
CA TYR B 103 17.67 -5.40 1.03
C TYR B 103 18.47 -5.17 -0.25
N ASN B 104 18.79 -3.92 -0.61
CA ASN B 104 19.42 -3.66 -1.92
C ASN B 104 20.69 -2.81 -1.88
N TYR B 105 20.63 -1.64 -1.23
CA TYR B 105 21.81 -0.77 -1.13
C TYR B 105 21.74 0.00 0.18
N LYS B 106 22.67 -0.23 1.10
CA LYS B 106 22.60 0.41 2.41
C LYS B 106 23.82 1.28 2.66
N LEU B 107 23.57 2.52 3.10
CA LEU B 107 24.58 3.45 3.55
C LEU B 107 24.86 3.26 5.04
N PRO B 108 26.11 3.36 5.44
CA PRO B 108 26.44 3.27 6.87
C PRO B 108 25.99 4.51 7.62
N ASP B 109 25.94 4.40 8.95
CA ASP B 109 25.52 5.53 9.77
C ASP B 109 26.53 6.67 9.72
N ASP B 110 27.82 6.36 9.63
CA ASP B 110 28.88 7.35 9.63
C ASP B 110 29.31 7.76 8.23
N PHE B 111 28.38 7.78 7.29
CA PHE B 111 28.69 8.03 5.89
C PHE B 111 29.26 9.43 5.68
N THR B 112 30.36 9.52 4.95
CA THR B 112 30.85 10.81 4.44
C THR B 112 30.83 10.72 2.92
N GLY B 113 29.96 11.50 2.30
CA GLY B 113 29.83 11.46 0.86
C GLY B 113 28.62 12.24 0.41
N CYS B 114 28.27 12.06 -0.86
CA CYS B 114 27.16 12.80 -1.45
C CYS B 114 26.27 11.85 -2.23
N VAL B 115 24.97 12.08 -2.11
CA VAL B 115 23.98 11.31 -2.84
C VAL B 115 23.43 12.20 -3.94
N ILE B 116 23.47 11.72 -5.18
CA ILE B 116 23.11 12.52 -6.34
C ILE B 116 22.10 11.76 -7.20
N ALA B 117 20.98 12.38 -7.52
CA ALA B 117 19.91 11.71 -8.27
C ALA B 117 19.23 12.69 -9.23
N TRP B 118 18.69 12.14 -10.31
CA TRP B 118 18.02 12.93 -11.34
C TRP B 118 17.01 12.03 -12.03
N ASN B 119 15.89 12.62 -12.42
CA ASN B 119 14.82 11.88 -13.08
C ASN B 119 15.30 11.35 -14.43
N SER B 120 15.17 10.03 -14.66
CA SER B 120 15.67 9.42 -15.89
C SER B 120 14.53 8.80 -16.72
N ASN B 121 13.32 9.35 -16.55
CA ASN B 121 12.12 8.78 -17.19
C ASN B 121 12.31 8.56 -18.68
N ASN B 122 13.09 9.44 -19.33
CA ASN B 122 13.15 9.43 -20.77
C ASN B 122 14.29 8.60 -21.33
N LEU B 123 15.24 8.16 -20.50
CA LEU B 123 16.13 7.07 -20.90
C LEU B 123 15.66 5.70 -20.41
N ASP B 124 15.11 5.60 -19.19
CA ASP B 124 14.96 4.31 -18.55
C ASP B 124 13.54 3.78 -18.56
N SER B 125 12.58 4.55 -19.05
CA SER B 125 11.24 4.03 -19.17
C SER B 125 10.92 3.83 -20.65
N LYS B 126 9.99 2.90 -20.92
CA LYS B 126 9.68 2.46 -22.28
C LYS B 126 8.18 2.19 -22.30
N VAL B 127 7.60 2.28 -23.50
CA VAL B 127 6.15 2.44 -23.61
C VAL B 127 5.41 1.25 -22.98
N GLY B 128 5.76 0.03 -23.39
CA GLY B 128 5.15 -1.13 -22.77
C GLY B 128 5.77 -1.60 -21.47
N GLY B 129 6.58 -0.74 -20.83
CA GLY B 129 7.28 -1.13 -19.62
C GLY B 129 8.69 -1.60 -19.87
N ASN B 130 9.65 -1.00 -19.15
CA ASN B 130 11.01 -1.49 -19.13
C ASN B 130 11.15 -2.42 -17.93
N TYR B 131 11.21 -3.73 -18.21
CA TYR B 131 11.32 -4.71 -17.15
C TYR B 131 12.76 -5.17 -16.94
N ASN B 132 13.74 -4.35 -17.32
CA ASN B 132 15.14 -4.70 -17.16
C ASN B 132 15.72 -4.25 -15.83
N TYR B 133 15.14 -3.23 -15.21
CA TYR B 133 15.58 -2.81 -13.89
C TYR B 133 14.86 -3.64 -12.82
N LEU B 134 15.65 -4.23 -11.92
CA LEU B 134 15.14 -5.11 -10.89
C LEU B 134 15.51 -4.59 -9.51
N TYR B 135 14.77 -5.05 -8.49
CA TYR B 135 15.16 -4.86 -7.10
C TYR B 135 14.87 -6.15 -6.34
N ARG B 136 15.57 -6.32 -5.21
CA ARG B 136 15.31 -7.46 -4.33
C ARG B 136 14.12 -7.15 -3.44
N LEU B 137 13.09 -8.00 -3.51
CA LEU B 137 11.89 -7.91 -2.67
C LEU B 137 11.99 -8.78 -1.41
N PHE B 138 12.51 -9.99 -1.53
CA PHE B 138 12.55 -10.95 -0.42
C PHE B 138 13.98 -11.19 0.05
N ARG B 139 14.22 -11.04 1.34
CA ARG B 139 15.54 -11.33 1.89
C ARG B 139 15.40 -11.62 3.37
N LYS B 140 16.19 -12.57 3.89
CA LYS B 140 15.99 -12.99 5.27
C LYS B 140 16.48 -11.94 6.25
N SER B 141 17.56 -11.24 5.92
CA SER B 141 18.13 -10.25 6.85
C SER B 141 18.56 -9.00 6.10
N ASN B 142 18.85 -7.93 6.85
CA ASN B 142 19.27 -6.68 6.24
C ASN B 142 20.71 -6.76 5.71
N LEU B 143 21.00 -5.97 4.68
CA LEU B 143 22.35 -5.85 4.15
C LEU B 143 23.25 -5.13 5.16
N LYS B 144 24.54 -5.43 5.11
CA LYS B 144 25.48 -4.57 5.79
C LYS B 144 25.70 -3.35 4.92
N PRO B 145 26.29 -2.30 5.47
CA PRO B 145 26.63 -1.13 4.65
C PRO B 145 27.56 -1.49 3.50
N PHE B 146 27.20 -1.04 2.31
CA PHE B 146 27.96 -1.29 1.10
C PHE B 146 28.05 -2.79 0.78
N GLU B 147 27.08 -3.57 1.22
CA GLU B 147 27.03 -4.97 0.80
C GLU B 147 26.26 -5.07 -0.49
N ARG B 148 26.60 -6.07 -1.29
CA ARG B 148 25.98 -6.26 -2.60
C ARG B 148 25.65 -7.73 -2.75
N ASP B 149 24.35 -8.03 -2.79
CA ASP B 149 23.83 -9.39 -2.86
C ASP B 149 23.22 -9.58 -4.23
N ILE B 150 23.81 -10.45 -5.04
CA ILE B 150 23.31 -10.74 -6.37
C ILE B 150 22.76 -12.16 -6.47
N SER B 151 22.49 -12.79 -5.33
CA SER B 151 21.89 -14.12 -5.34
C SER B 151 20.51 -14.12 -6.01
N THR B 152 20.24 -15.15 -6.82
CA THR B 152 18.93 -15.33 -7.50
C THR B 152 18.28 -16.61 -7.01
N GLU B 153 18.68 -17.08 -5.83
CA GLU B 153 18.09 -18.30 -5.24
C GLU B 153 16.62 -18.11 -4.90
N ILE B 154 15.83 -19.13 -5.08
CA ILE B 154 14.39 -19.07 -4.74
C ILE B 154 14.23 -18.85 -3.23
N TYR B 155 13.42 -17.86 -2.87
CA TYR B 155 13.24 -17.51 -1.44
C TYR B 155 12.30 -18.49 -0.79
N GLN B 156 12.78 -19.08 0.28
CA GLN B 156 12.03 -20.09 1.02
C GLN B 156 11.31 -19.40 2.19
N ALA B 157 9.99 -19.25 2.07
CA ALA B 157 9.19 -18.54 3.07
C ALA B 157 8.56 -19.47 4.11
N GLY B 158 8.70 -20.79 3.95
CA GLY B 158 8.24 -21.75 4.94
C GLY B 158 9.36 -22.64 5.44
N SER B 159 9.03 -23.85 5.87
CA SER B 159 10.04 -24.81 6.30
C SER B 159 10.32 -25.91 5.28
N THR B 160 9.55 -25.99 4.17
CA THR B 160 9.81 -26.95 3.09
C THR B 160 10.82 -26.38 2.09
N PRO B 161 11.85 -27.14 1.70
CA PRO B 161 12.82 -26.63 0.71
C PRO B 161 12.16 -26.38 -0.64
N CYS B 162 12.69 -25.41 -1.38
CA CYS B 162 12.09 -25.07 -2.66
C CYS B 162 12.68 -25.85 -3.82
N ASN B 163 13.91 -26.33 -3.70
CA ASN B 163 14.56 -27.12 -4.76
C ASN B 163 14.44 -26.41 -6.11
N GLY B 164 14.70 -25.09 -6.09
CA GLY B 164 14.76 -24.31 -7.30
C GLY B 164 13.48 -24.23 -8.08
N VAL B 165 12.34 -24.46 -7.44
CA VAL B 165 11.03 -24.42 -8.10
C VAL B 165 10.21 -23.33 -7.43
N GLU B 166 9.64 -22.44 -8.24
CA GLU B 166 8.73 -21.43 -7.71
C GLU B 166 7.38 -22.08 -7.43
N GLY B 167 6.72 -21.62 -6.37
CA GLY B 167 5.41 -22.09 -5.98
C GLY B 167 5.01 -21.50 -4.64
N PHE B 168 4.10 -22.15 -3.93
CA PHE B 168 3.72 -21.65 -2.62
C PHE B 168 4.92 -21.67 -1.68
N ASN B 169 5.18 -20.50 -1.06
CA ASN B 169 6.29 -20.28 -0.12
C ASN B 169 7.67 -20.31 -0.80
N CYS B 170 7.71 -20.15 -2.12
CA CYS B 170 8.95 -20.29 -2.88
C CYS B 170 8.96 -19.23 -3.99
N TYR B 171 9.58 -18.09 -3.72
CA TYR B 171 9.40 -16.90 -4.55
C TYR B 171 10.74 -16.48 -5.14
N PHE B 172 10.73 -16.17 -6.43
CA PHE B 172 11.90 -15.54 -7.02
C PHE B 172 12.19 -14.26 -6.23
N PRO B 173 13.42 -14.05 -5.78
CA PRO B 173 13.68 -12.96 -4.81
C PRO B 173 13.67 -11.57 -5.41
N LEU B 174 13.83 -11.45 -6.72
CA LEU B 174 13.90 -10.16 -7.40
C LEU B 174 12.58 -9.87 -8.08
N GLN B 175 12.24 -8.59 -8.13
CA GLN B 175 11.06 -8.13 -8.84
C GLN B 175 11.49 -7.06 -9.81
N SER B 176 10.76 -6.96 -10.91
CA SER B 176 11.01 -5.96 -11.93
C SER B 176 10.30 -4.66 -11.59
N TYR B 177 10.99 -3.54 -11.72
CA TYR B 177 10.24 -2.30 -11.83
C TYR B 177 9.48 -2.33 -13.16
N GLY B 178 8.36 -1.65 -13.20
CA GLY B 178 7.70 -1.52 -14.47
C GLY B 178 7.75 -0.07 -14.89
N PHE B 179 8.82 0.34 -15.58
CA PHE B 179 9.01 1.75 -15.89
C PHE B 179 8.35 2.04 -17.24
N GLN B 180 7.20 2.71 -17.19
CA GLN B 180 6.40 3.26 -18.27
C GLN B 180 6.39 4.77 -18.16
N PRO B 181 6.53 5.50 -19.28
CA PRO B 181 6.62 6.96 -19.20
C PRO B 181 5.42 7.62 -18.58
N THR B 182 4.25 6.98 -18.59
CA THR B 182 3.05 7.52 -17.97
C THR B 182 3.02 7.33 -16.45
N ASN B 183 4.02 6.67 -15.83
CA ASN B 183 4.01 6.50 -14.38
C ASN B 183 3.96 7.86 -13.67
N GLY B 184 3.31 7.90 -12.51
CA GLY B 184 3.47 9.05 -11.64
C GLY B 184 4.93 9.26 -11.28
N VAL B 185 5.28 10.51 -10.99
CA VAL B 185 6.68 10.91 -10.80
C VAL B 185 7.34 10.07 -9.70
N GLY B 186 6.60 9.70 -8.66
CA GLY B 186 7.18 8.86 -7.62
C GLY B 186 7.53 7.47 -8.09
N TYR B 187 6.87 6.98 -9.14
CA TYR B 187 7.10 5.65 -9.68
C TYR B 187 7.96 5.67 -10.94
N GLN B 188 8.59 6.80 -11.24
CA GLN B 188 9.42 6.96 -12.40
C GLN B 188 10.88 6.67 -12.07
N PRO B 189 11.65 6.15 -13.00
CA PRO B 189 13.04 5.77 -12.67
C PRO B 189 13.89 7.00 -12.40
N TYR B 190 14.77 6.86 -11.40
CA TYR B 190 15.76 7.87 -11.08
C TYR B 190 17.11 7.18 -11.05
N ARG B 191 18.07 7.80 -11.74
CA ARG B 191 19.45 7.36 -11.69
C ARG B 191 20.11 7.99 -10.47
N VAL B 192 20.86 7.18 -9.74
CA VAL B 192 21.46 7.64 -8.50
C VAL B 192 22.95 7.37 -8.60
N VAL B 193 23.73 8.32 -8.12
CA VAL B 193 25.17 8.16 -7.98
C VAL B 193 25.51 8.52 -6.54
N VAL B 194 26.17 7.61 -5.84
CA VAL B 194 26.62 7.82 -4.47
C VAL B 194 28.13 7.95 -4.49
N LEU B 195 28.63 9.13 -4.15
CA LEU B 195 30.06 9.36 -4.04
C LEU B 195 30.47 9.16 -2.59
N SER B 196 31.42 8.26 -2.35
CA SER B 196 31.97 8.04 -1.02
C SER B 196 33.40 8.51 -0.98
N PHE B 197 33.73 9.21 0.10
CA PHE B 197 35.02 9.89 0.24
C PHE B 197 35.83 9.16 1.32
N GLU B 198 36.65 8.23 0.87
CA GLU B 198 37.45 7.39 1.74
C GLU B 198 38.82 8.01 1.93
N LEU B 199 39.16 8.30 3.19
CA LEU B 199 40.47 8.88 3.50
C LEU B 199 41.08 8.04 4.62
N LEU B 200 41.86 7.06 4.17
CA LEU B 200 42.57 6.15 5.07
C LEU B 200 43.78 6.92 5.55
N HIS B 201 44.92 6.74 4.89
CA HIS B 201 46.10 7.56 5.25
C HIS B 201 46.72 8.08 3.97
N ALA B 202 48.02 7.86 3.83
CA ALA B 202 48.71 8.35 2.64
C ALA B 202 48.60 7.29 1.55
N PRO B 203 48.70 7.69 0.28
CA PRO B 203 48.58 9.09 -0.03
C PRO B 203 47.18 9.50 -0.48
N ALA B 204 46.77 10.71 -0.14
CA ALA B 204 45.50 11.22 -0.69
C ALA B 204 45.78 11.58 -2.14
N THR B 205 45.25 10.81 -3.09
CA THR B 205 45.60 10.95 -4.49
C THR B 205 44.41 11.29 -5.40
N VAL B 206 43.22 11.53 -4.84
CA VAL B 206 42.09 12.05 -5.60
C VAL B 206 41.85 13.47 -5.13
N CYS B 207 42.07 14.44 -6.00
CA CYS B 207 42.13 15.84 -5.59
C CYS B 207 41.29 16.73 -6.52
N GLY B 208 40.87 17.87 -5.97
CA GLY B 208 40.38 18.96 -6.78
C GLY B 208 41.52 19.74 -7.40
N PRO B 209 41.17 20.69 -8.28
CA PRO B 209 42.23 21.48 -8.94
C PRO B 209 42.91 22.46 -8.00
N VAL C 2 -1.72 -25.09 6.48
CA VAL C 2 -1.17 -23.74 6.61
C VAL C 2 -2.17 -22.86 7.34
N GLN C 3 -1.74 -22.26 8.44
CA GLN C 3 -2.66 -21.59 9.35
C GLN C 3 -1.98 -20.43 10.05
N LEU C 4 -2.76 -19.39 10.35
CA LEU C 4 -2.43 -18.40 11.36
C LEU C 4 -3.54 -18.38 12.40
N VAL C 5 -3.18 -18.44 13.68
CA VAL C 5 -4.16 -18.49 14.76
C VAL C 5 -3.82 -17.42 15.80
N GLU C 6 -4.66 -16.39 15.89
CA GLU C 6 -4.45 -15.33 16.86
C GLU C 6 -5.10 -15.70 18.18
N SER C 7 -4.52 -15.18 19.27
CA SER C 7 -5.15 -15.26 20.57
C SER C 7 -4.66 -14.12 21.45
N GLY C 8 -5.13 -14.12 22.69
CA GLY C 8 -4.74 -13.15 23.69
C GLY C 8 -5.66 -11.97 23.79
N GLY C 9 -6.70 -11.89 22.97
CA GLY C 9 -7.60 -10.76 23.04
C GLY C 9 -8.66 -10.93 24.12
N GLY C 10 -9.22 -9.82 24.55
CA GLY C 10 -10.23 -9.87 25.59
C GLY C 10 -10.64 -8.48 26.02
N LEU C 11 -11.15 -8.40 27.23
CA LEU C 11 -11.60 -7.14 27.79
C LEU C 11 -10.42 -6.42 28.42
N VAL C 12 -10.40 -5.10 28.28
CA VAL C 12 -9.36 -4.29 28.90
C VAL C 12 -9.95 -2.91 29.12
N GLN C 13 -9.47 -2.22 30.10
CA GLN C 13 -9.97 -0.90 30.43
C GLN C 13 -9.20 0.19 29.69
N PRO C 14 -9.81 1.36 29.45
CA PRO C 14 -9.08 2.44 28.75
C PRO C 14 -7.81 2.79 29.50
N GLY C 15 -6.71 2.99 28.74
CA GLY C 15 -5.40 3.17 29.30
C GLY C 15 -4.63 1.88 29.53
N GLY C 16 -5.32 0.74 29.56
CA GLY C 16 -4.70 -0.54 29.86
C GLY C 16 -3.89 -1.06 28.69
N SER C 17 -3.48 -2.32 28.82
CA SER C 17 -2.64 -2.89 27.77
C SER C 17 -2.87 -4.40 27.67
N LEU C 18 -2.59 -4.92 26.48
CA LEU C 18 -2.79 -6.32 26.12
C LEU C 18 -1.69 -6.71 25.16
N ARG C 19 -1.41 -8.02 25.07
CA ARG C 19 -0.50 -8.54 24.06
C ARG C 19 -1.21 -9.62 23.26
N LEU C 20 -1.30 -9.43 21.95
CA LEU C 20 -1.85 -10.43 21.06
C LEU C 20 -0.73 -11.34 20.57
N SER C 21 -1.11 -12.57 20.27
CA SER C 21 -0.21 -13.59 19.76
C SER C 21 -0.81 -14.12 18.46
N CYS C 22 0.07 -14.51 17.55
CA CYS C 22 -0.33 -15.10 16.29
C CYS C 22 0.61 -16.27 16.05
N ALA C 23 0.10 -17.49 16.19
CA ALA C 23 0.88 -18.71 16.05
C ALA C 23 0.77 -19.22 14.62
N ALA C 24 1.87 -19.26 13.89
CA ALA C 24 1.83 -19.72 12.52
C ALA C 24 2.14 -21.21 12.40
N SER C 25 1.56 -21.83 11.37
CA SER C 25 1.91 -23.19 10.96
C SER C 25 2.01 -23.18 9.45
N GLY C 26 3.16 -23.60 8.91
CA GLY C 26 3.30 -23.70 7.49
C GLY C 26 3.90 -22.49 6.81
N ILE C 27 3.99 -21.36 7.51
CA ILE C 27 4.84 -20.24 7.12
C ILE C 27 5.79 -20.00 8.26
N THR C 28 6.96 -19.47 7.94
CA THR C 28 7.96 -19.12 8.95
C THR C 28 7.85 -17.62 9.18
N VAL C 29 7.29 -17.25 10.35
CA VAL C 29 7.04 -15.84 10.69
C VAL C 29 8.26 -14.97 10.42
N SER C 30 9.41 -15.39 10.95
CA SER C 30 10.63 -14.60 10.89
C SER C 30 11.18 -14.44 9.47
N SER C 31 10.70 -15.23 8.51
CA SER C 31 11.14 -15.10 7.13
C SER C 31 10.17 -14.29 6.26
N ASN C 32 9.13 -13.68 6.84
CA ASN C 32 8.10 -13.05 6.03
C ASN C 32 7.87 -11.61 6.43
N TYR C 33 7.37 -10.82 5.47
CA TYR C 33 6.54 -9.67 5.81
C TYR C 33 5.27 -10.14 6.55
N MET C 34 4.99 -9.60 7.74
CA MET C 34 3.83 -9.98 8.51
C MET C 34 3.09 -8.72 8.95
N ASN C 35 1.76 -8.75 8.91
CA ASN C 35 0.94 -7.60 9.27
C ASN C 35 -0.06 -7.95 10.36
N TRP C 36 -0.45 -6.93 11.12
CA TRP C 36 -1.69 -6.94 11.88
C TRP C 36 -2.66 -5.99 11.18
N VAL C 37 -3.86 -6.50 10.94
CA VAL C 37 -4.95 -5.77 10.31
C VAL C 37 -6.18 -5.97 11.19
N ARG C 38 -6.85 -4.87 11.53
CA ARG C 38 -7.98 -4.95 12.44
C ARG C 38 -9.26 -4.46 11.77
N GLN C 39 -10.39 -4.75 12.42
CA GLN C 39 -11.68 -4.42 11.84
C GLN C 39 -12.69 -4.19 12.97
N ALA C 40 -13.08 -2.93 13.16
CA ALA C 40 -14.04 -2.57 14.19
C ALA C 40 -15.44 -3.03 13.79
N PRO C 41 -16.37 -3.10 14.74
CA PRO C 41 -17.73 -3.63 14.44
C PRO C 41 -18.40 -2.86 13.30
N GLY C 42 -18.79 -3.59 12.26
CA GLY C 42 -19.42 -2.99 11.09
C GLY C 42 -18.58 -1.98 10.33
N LYS C 43 -17.26 -2.01 10.48
CA LYS C 43 -16.33 -1.13 9.77
C LYS C 43 -15.51 -1.94 8.76
N GLY C 44 -14.66 -1.24 8.02
CA GLY C 44 -13.78 -1.87 7.06
C GLY C 44 -12.46 -2.35 7.67
N LEU C 45 -11.53 -2.73 6.79
CA LEU C 45 -10.22 -3.21 7.21
C LEU C 45 -9.26 -2.04 7.42
N GLU C 46 -8.50 -2.10 8.51
CA GLU C 46 -7.49 -1.08 8.81
C GLU C 46 -6.16 -1.76 9.09
N TRP C 47 -5.19 -1.58 8.19
CA TRP C 47 -3.85 -2.04 8.49
C TRP C 47 -3.31 -1.28 9.69
N VAL C 48 -2.54 -1.97 10.53
CA VAL C 48 -2.12 -1.48 11.84
C VAL C 48 -0.60 -1.50 12.00
N SER C 49 0.06 -2.59 11.57
CA SER C 49 1.49 -2.75 11.82
C SER C 49 2.08 -3.74 10.83
N LEU C 50 3.34 -3.50 10.44
CA LEU C 50 4.08 -4.38 9.53
C LEU C 50 5.45 -4.64 10.14
N ILE C 51 5.94 -5.87 10.03
CA ILE C 51 7.34 -6.17 10.34
C ILE C 51 7.97 -6.90 9.17
N TYR C 52 9.13 -6.39 8.74
CA TYR C 52 9.94 -7.05 7.73
C TYR C 52 10.64 -8.26 8.33
N SER C 53 10.84 -9.28 7.51
CA SER C 53 11.83 -10.34 7.73
C SER C 53 13.09 -9.83 8.42
N GLY C 54 13.67 -8.76 7.87
CA GLY C 54 14.93 -8.24 8.38
C GLY C 54 14.79 -7.36 9.60
N GLY C 55 13.57 -7.10 10.05
CA GLY C 55 13.34 -6.49 11.34
C GLY C 55 12.75 -5.09 11.30
N SER C 56 12.72 -4.41 10.15
CA SER C 56 12.10 -3.09 10.12
C SER C 56 10.61 -3.18 10.45
N THR C 57 10.09 -2.15 11.09
CA THR C 57 8.69 -2.10 11.50
C THR C 57 8.06 -0.79 11.05
N TYR C 58 6.76 -0.83 10.74
CA TYR C 58 6.00 0.35 10.38
C TYR C 58 4.65 0.29 11.09
N TYR C 59 4.09 1.46 11.38
CA TYR C 59 2.89 1.60 12.20
C TYR C 59 1.92 2.59 11.57
N ALA C 60 0.63 2.29 11.65
CA ALA C 60 -0.38 3.28 11.33
C ALA C 60 -0.27 4.45 12.29
N ASP C 61 -0.54 5.66 11.78
CA ASP C 61 -0.53 6.84 12.65
C ASP C 61 -1.48 6.68 13.83
N SER C 62 -2.59 5.98 13.66
CA SER C 62 -3.50 5.85 14.80
C SER C 62 -2.92 5.01 15.94
N VAL C 63 -1.73 4.39 15.81
CA VAL C 63 -1.22 3.52 16.86
C VAL C 63 0.25 3.80 17.18
N LYS C 64 0.92 4.67 16.41
CA LYS C 64 2.33 4.99 16.69
C LYS C 64 2.52 5.46 18.14
N GLY C 65 3.58 4.97 18.79
CA GLY C 65 3.81 5.23 20.20
C GLY C 65 3.01 4.36 21.15
N ARG C 66 2.12 3.54 20.66
CA ARG C 66 1.30 2.71 21.55
C ARG C 66 1.42 1.23 21.26
N PHE C 67 1.52 0.84 19.98
CA PHE C 67 1.63 -0.55 19.61
C PHE C 67 3.08 -0.89 19.28
N THR C 68 3.43 -2.17 19.39
CA THR C 68 4.77 -2.63 19.00
C THR C 68 4.60 -4.03 18.45
N ILE C 69 5.02 -4.22 17.20
CA ILE C 69 4.99 -5.53 16.56
C ILE C 69 6.35 -6.16 16.78
N SER C 70 6.36 -7.46 17.04
CA SER C 70 7.58 -8.22 17.27
C SER C 70 7.28 -9.67 16.94
N ARG C 71 8.24 -10.56 17.19
CA ARG C 71 8.05 -11.98 16.92
C ARG C 71 9.00 -12.79 17.79
N ASP C 72 8.72 -14.08 17.88
CA ASP C 72 9.55 -15.03 18.61
C ASP C 72 9.87 -16.15 17.64
N ASN C 73 11.12 -16.19 17.18
CA ASN C 73 11.46 -17.16 16.14
C ASN C 73 11.32 -18.60 16.65
N SER C 74 11.77 -18.88 17.88
CA SER C 74 11.72 -20.26 18.36
C SER C 74 10.31 -20.78 18.50
N LYS C 75 9.32 -19.89 18.62
CA LYS C 75 7.92 -20.28 18.76
C LYS C 75 7.11 -20.03 17.50
N ASN C 76 7.75 -19.56 16.41
CA ASN C 76 7.06 -19.21 15.16
C ASN C 76 5.81 -18.38 15.44
N THR C 77 5.97 -17.32 16.22
CA THR C 77 4.82 -16.58 16.68
C THR C 77 5.07 -15.09 16.55
N LEU C 78 4.06 -14.37 16.03
CA LEU C 78 4.06 -12.92 15.90
C LEU C 78 3.29 -12.30 17.05
N TYR C 79 3.75 -11.15 17.55
CA TYR C 79 3.07 -10.47 18.65
C TYR C 79 2.66 -9.06 18.27
N LEU C 80 1.62 -8.57 18.93
CA LEU C 80 1.26 -7.15 18.92
C LEU C 80 1.10 -6.70 20.36
N GLN C 81 2.05 -5.91 20.86
CA GLN C 81 1.94 -5.29 22.17
C GLN C 81 1.16 -3.99 22.05
N MET C 82 0.11 -3.85 22.84
CA MET C 82 -0.83 -2.74 22.73
C MET C 82 -0.92 -2.07 24.08
N ASN C 83 -0.41 -0.85 24.17
CA ASN C 83 -0.47 -0.04 25.38
C ASN C 83 -1.40 1.16 25.18
N SER C 84 -1.77 1.80 26.28
CA SER C 84 -2.64 2.99 26.24
C SER C 84 -3.86 2.75 25.34
N LEU C 85 -4.57 1.66 25.64
CA LEU C 85 -5.66 1.22 24.78
C LEU C 85 -6.84 2.18 24.93
N ARG C 86 -7.52 2.41 23.82
CA ARG C 86 -8.63 3.35 23.72
C ARG C 86 -9.86 2.63 23.19
N ALA C 87 -11.03 3.21 23.47
CA ALA C 87 -12.29 2.59 23.06
C ALA C 87 -12.28 2.33 21.55
N GLU C 88 -11.78 3.27 20.77
CA GLU C 88 -11.79 3.05 19.34
C GLU C 88 -10.83 1.95 18.89
N ASP C 89 -10.04 1.36 19.79
CA ASP C 89 -9.21 0.21 19.42
C ASP C 89 -10.00 -1.10 19.46
N THR C 90 -11.25 -1.05 19.92
CA THR C 90 -12.14 -2.22 19.94
C THR C 90 -12.34 -2.76 18.53
N ALA C 91 -12.02 -4.03 18.31
CA ALA C 91 -12.01 -4.57 16.95
C ALA C 91 -11.62 -6.03 17.03
N VAL C 92 -11.86 -6.73 15.92
CA VAL C 92 -11.25 -8.03 15.68
C VAL C 92 -9.88 -7.76 15.05
N TYR C 93 -8.84 -8.39 15.61
CA TYR C 93 -7.46 -8.22 15.16
C TYR C 93 -7.01 -9.49 14.46
N HIS C 94 -6.65 -9.36 13.19
CA HIS C 94 -6.14 -10.46 12.36
C HIS C 94 -4.62 -10.29 12.16
N CYS C 95 -3.90 -11.39 12.12
CA CYS C 95 -2.56 -11.37 11.54
C CYS C 95 -2.64 -11.93 10.13
N ALA C 96 -1.73 -11.47 9.27
CA ALA C 96 -1.71 -11.92 7.89
C ALA C 96 -0.29 -11.89 7.37
N ARG C 97 0.04 -12.89 6.56
CA ARG C 97 1.32 -12.91 5.86
C ARG C 97 1.20 -12.06 4.61
N ASP C 98 2.19 -11.19 4.41
CA ASP C 98 2.21 -10.22 3.32
C ASP C 98 3.23 -10.63 2.26
N LEU C 99 2.80 -10.80 1.01
CA LEU C 99 3.71 -11.07 -0.13
C LEU C 99 3.90 -9.80 -0.97
N VAL C 100 3.36 -8.66 -0.52
CA VAL C 100 3.54 -7.32 -1.15
C VAL C 100 2.97 -7.26 -2.57
N VAL C 101 3.73 -7.66 -3.56
CA VAL C 101 3.29 -7.66 -4.98
C VAL C 101 2.29 -8.79 -5.20
N TYR C 102 2.27 -9.80 -4.33
CA TYR C 102 1.31 -10.90 -4.48
C TYR C 102 0.19 -10.83 -3.43
N GLY C 103 0.07 -9.72 -2.70
CA GLY C 103 -1.05 -9.54 -1.79
C GLY C 103 -0.86 -10.29 -0.49
N MET C 104 -1.87 -10.19 0.37
CA MET C 104 -1.87 -10.91 1.64
C MET C 104 -2.65 -12.20 1.43
N ASP C 105 -1.93 -13.32 1.28
CA ASP C 105 -2.60 -14.55 0.90
C ASP C 105 -3.12 -15.34 2.10
N VAL C 106 -2.45 -15.29 3.25
CA VAL C 106 -2.86 -16.10 4.40
C VAL C 106 -3.27 -15.16 5.52
N TRP C 107 -4.48 -15.38 6.04
CA TRP C 107 -5.13 -14.61 7.11
C TRP C 107 -5.56 -15.54 8.24
N GLY C 108 -5.40 -15.07 9.46
CA GLY C 108 -6.02 -15.75 10.59
C GLY C 108 -7.46 -15.29 10.79
N GLN C 109 -8.21 -16.08 11.56
CA GLN C 109 -9.63 -15.79 11.79
C GLN C 109 -9.84 -14.64 12.76
N GLY C 110 -8.84 -14.32 13.58
CA GLY C 110 -8.85 -13.12 14.39
C GLY C 110 -9.06 -13.41 15.86
N THR C 111 -8.78 -12.39 16.67
CA THR C 111 -9.06 -12.38 18.09
C THR C 111 -9.65 -11.02 18.45
N THR C 112 -10.66 -11.03 19.32
CA THR C 112 -11.49 -9.84 19.60
C THR C 112 -10.95 -9.07 20.80
N VAL C 113 -10.80 -7.77 20.63
CA VAL C 113 -10.36 -6.88 21.71
C VAL C 113 -11.50 -5.92 21.99
N THR C 114 -11.85 -5.78 23.27
CA THR C 114 -12.95 -4.92 23.70
C THR C 114 -12.39 -3.99 24.76
N VAL C 115 -12.33 -2.70 24.44
CA VAL C 115 -11.74 -1.70 25.34
C VAL C 115 -12.90 -0.96 25.98
N SER C 116 -13.03 -1.10 27.30
CA SER C 116 -14.21 -0.57 27.95
C SER C 116 -14.02 -0.55 29.45
N SER C 117 -14.53 0.49 30.08
CA SER C 117 -14.49 0.55 31.52
C SER C 117 -15.76 0.00 32.19
N ALA C 118 -16.65 -0.66 31.44
CA ALA C 118 -17.90 -1.17 32.00
C ALA C 118 -17.68 -2.43 32.84
N SER C 119 -18.59 -2.66 33.77
CA SER C 119 -18.54 -3.87 34.58
C SER C 119 -19.53 -4.90 34.05
N THR C 120 -19.20 -6.17 34.24
CA THR C 120 -20.04 -7.25 33.75
C THR C 120 -21.44 -7.15 34.35
N LYS C 121 -22.46 -7.19 33.48
CA LYS C 121 -23.84 -6.96 33.92
C LYS C 121 -24.84 -7.77 33.11
N GLY C 122 -25.73 -8.48 33.80
CA GLY C 122 -26.79 -9.23 33.15
C GLY C 122 -27.88 -8.30 32.62
N PRO C 123 -28.55 -8.71 31.55
CA PRO C 123 -29.59 -7.85 30.96
C PRO C 123 -30.88 -7.83 31.75
N SER C 124 -31.61 -6.73 31.61
CA SER C 124 -33.03 -6.68 31.92
C SER C 124 -33.81 -7.02 30.65
N VAL C 125 -34.84 -7.83 30.78
CA VAL C 125 -35.64 -8.25 29.62
C VAL C 125 -37.04 -7.68 29.80
N PHE C 126 -37.44 -6.80 28.89
CA PHE C 126 -38.74 -6.18 28.93
C PHE C 126 -39.58 -6.56 27.72
N PRO C 127 -40.87 -6.76 27.90
CA PRO C 127 -41.71 -7.15 26.76
C PRO C 127 -41.94 -5.98 25.82
N LEU C 128 -41.99 -6.29 24.53
CA LEU C 128 -42.50 -5.41 23.48
C LEU C 128 -43.91 -5.94 23.15
N ALA C 129 -44.92 -5.33 23.76
CA ALA C 129 -46.26 -5.92 23.74
C ALA C 129 -46.93 -5.70 22.39
N PRO C 130 -47.63 -6.70 21.85
CA PRO C 130 -48.44 -6.48 20.65
C PRO C 130 -49.60 -5.57 20.97
N SER C 131 -50.04 -4.82 19.97
CA SER C 131 -51.31 -4.10 20.12
C SER C 131 -52.45 -4.83 19.41
N SER C 136 -57.98 -6.59 12.66
CA SER C 136 -57.43 -7.71 13.46
C SER C 136 -57.44 -8.97 12.61
N GLY C 137 -57.49 -8.83 11.30
CA GLY C 137 -57.41 -9.98 10.39
C GLY C 137 -56.05 -9.97 9.77
N GLY C 138 -55.15 -9.18 10.36
CA GLY C 138 -53.83 -9.01 9.75
C GLY C 138 -52.67 -9.54 10.55
N THR C 139 -51.65 -8.73 10.73
CA THR C 139 -50.37 -9.20 11.26
C THR C 139 -50.01 -8.40 12.50
N ALA C 140 -49.63 -9.10 13.56
CA ALA C 140 -49.14 -8.47 14.78
C ALA C 140 -47.63 -8.70 14.94
N ALA C 141 -46.99 -7.78 15.65
CA ALA C 141 -45.59 -7.88 16.01
C ALA C 141 -45.44 -7.76 17.52
N LEU C 142 -44.47 -8.49 18.05
CA LEU C 142 -44.19 -8.51 19.48
C LEU C 142 -42.72 -8.90 19.63
N GLY C 143 -42.21 -8.77 20.85
CA GLY C 143 -40.80 -9.08 21.05
C GLY C 143 -40.35 -8.79 22.46
N CYS C 144 -39.04 -8.84 22.64
CA CYS C 144 -38.38 -8.55 23.91
C CYS C 144 -37.26 -7.55 23.67
N LEU C 145 -37.21 -6.52 24.51
CA LEU C 145 -36.07 -5.61 24.58
C LEU C 145 -35.10 -6.15 25.62
N VAL C 146 -33.87 -6.40 25.21
CA VAL C 146 -32.83 -6.99 26.05
C VAL C 146 -31.82 -5.88 26.35
N LYS C 147 -31.91 -5.29 27.53
CA LYS C 147 -31.36 -3.97 27.76
C LYS C 147 -30.26 -3.98 28.83
N ASP C 148 -29.21 -3.19 28.59
CA ASP C 148 -28.18 -2.84 29.58
C ASP C 148 -27.39 -4.07 30.05
N TYR C 149 -26.73 -4.75 29.12
CA TYR C 149 -25.86 -5.85 29.49
C TYR C 149 -24.44 -5.58 29.01
N PHE C 150 -23.48 -6.29 29.62
CA PHE C 150 -22.06 -6.21 29.29
C PHE C 150 -21.36 -7.45 29.84
N PRO C 151 -20.37 -8.09 29.15
CA PRO C 151 -20.05 -7.90 27.73
C PRO C 151 -21.00 -8.58 26.73
N GLU C 152 -20.60 -8.59 25.48
CA GLU C 152 -21.32 -9.39 24.48
C GLU C 152 -20.76 -10.81 24.65
N PRO C 153 -21.44 -11.92 24.26
CA PRO C 153 -22.72 -11.95 23.53
C PRO C 153 -24.00 -12.22 24.30
N VAL C 154 -25.14 -12.05 23.64
CA VAL C 154 -26.43 -12.46 24.21
C VAL C 154 -27.09 -13.39 23.19
N THR C 155 -27.77 -14.46 23.60
CA THR C 155 -28.54 -15.24 22.64
C THR C 155 -30.01 -15.15 22.99
N VAL C 156 -30.85 -15.10 21.96
CA VAL C 156 -32.29 -15.02 22.14
C VAL C 156 -32.90 -16.12 21.30
N SER C 157 -33.79 -16.90 21.91
CA SER C 157 -34.66 -17.80 21.18
C SER C 157 -36.10 -17.51 21.57
N TRP C 158 -37.03 -18.11 20.83
CA TRP C 158 -38.44 -17.94 21.12
C TRP C 158 -39.09 -19.30 21.31
N ASN C 159 -39.92 -19.39 22.36
CA ASN C 159 -40.63 -20.63 22.69
C ASN C 159 -39.68 -21.83 22.66
N SER C 160 -38.49 -21.65 23.25
CA SER C 160 -37.47 -22.70 23.39
C SER C 160 -37.00 -23.23 22.04
N GLY C 161 -37.09 -22.42 21.00
CA GLY C 161 -36.66 -22.79 19.66
C GLY C 161 -37.77 -23.24 18.74
N ALA C 162 -38.98 -23.45 19.28
CA ALA C 162 -40.08 -23.88 18.43
C ALA C 162 -40.47 -22.80 17.41
N LEU C 163 -40.30 -21.53 17.74
CA LEU C 163 -40.68 -20.43 16.88
C LEU C 163 -39.41 -19.81 16.31
N THR C 164 -39.22 -19.94 15.00
CA THR C 164 -38.10 -19.33 14.28
C THR C 164 -38.59 -18.49 13.11
N SER C 165 -39.73 -18.87 12.52
CA SER C 165 -40.22 -18.18 11.34
C SER C 165 -40.73 -16.78 11.71
N GLY C 166 -40.22 -15.77 11.00
CA GLY C 166 -40.58 -14.38 11.24
C GLY C 166 -39.81 -13.70 12.35
N VAL C 167 -38.81 -14.36 12.92
CA VAL C 167 -38.04 -13.81 14.02
C VAL C 167 -36.94 -12.92 13.45
N HIS C 168 -36.78 -11.73 14.02
CA HIS C 168 -35.64 -10.87 13.73
C HIS C 168 -35.01 -10.47 15.06
N THR C 169 -33.81 -10.99 15.33
CA THR C 169 -33.00 -10.57 16.46
C THR C 169 -31.94 -9.60 15.93
N PHE C 170 -32.01 -8.37 16.38
CA PHE C 170 -31.21 -7.30 15.82
C PHE C 170 -29.81 -7.30 16.43
N PRO C 171 -28.80 -6.84 15.67
CA PRO C 171 -27.49 -6.55 16.26
C PRO C 171 -27.61 -5.62 17.46
N ALA C 172 -26.76 -5.84 18.46
CA ALA C 172 -26.73 -4.94 19.61
C ALA C 172 -26.20 -3.57 19.20
N VAL C 173 -26.69 -2.52 19.87
CA VAL C 173 -26.08 -1.19 19.85
C VAL C 173 -25.40 -0.97 21.18
N LEU C 174 -24.25 -0.29 21.14
CA LEU C 174 -23.55 0.14 22.35
C LEU C 174 -24.11 1.51 22.75
N GLN C 175 -24.62 1.60 23.97
CA GLN C 175 -25.21 2.86 24.42
C GLN C 175 -24.13 3.74 25.05
N SER C 176 -24.47 5.02 25.25
CA SER C 176 -23.52 5.97 25.82
C SER C 176 -23.11 5.59 27.24
N SER C 177 -23.91 4.77 27.91
CA SER C 177 -23.54 4.28 29.24
C SER C 177 -22.46 3.23 29.20
N GLY C 178 -22.05 2.77 28.02
CA GLY C 178 -21.11 1.67 27.93
C GLY C 178 -21.72 0.29 27.96
N LEU C 179 -23.05 0.20 28.09
CA LEU C 179 -23.75 -1.08 28.10
C LEU C 179 -24.47 -1.28 26.77
N TYR C 180 -24.55 -2.55 26.35
CA TYR C 180 -25.20 -2.95 25.10
C TYR C 180 -26.71 -3.11 25.28
N SER C 181 -27.43 -3.06 24.16
CA SER C 181 -28.88 -3.25 24.16
C SER C 181 -29.33 -3.74 22.79
N LEU C 182 -30.27 -4.68 22.76
CA LEU C 182 -30.83 -5.13 21.49
C LEU C 182 -32.30 -5.51 21.66
N SER C 183 -32.97 -5.63 20.52
CA SER C 183 -34.32 -6.18 20.46
C SER C 183 -34.36 -7.43 19.60
N SER C 184 -35.28 -8.32 20.00
CA SER C 184 -35.68 -9.50 19.24
C SER C 184 -37.20 -9.43 19.05
N VAL C 185 -37.66 -9.56 17.80
CA VAL C 185 -39.06 -9.37 17.43
C VAL C 185 -39.52 -10.59 16.64
N VAL C 186 -40.84 -10.75 16.58
CA VAL C 186 -41.48 -11.72 15.70
C VAL C 186 -42.83 -11.16 15.25
N THR C 187 -43.18 -11.43 13.98
CA THR C 187 -44.49 -11.11 13.44
C THR C 187 -45.29 -12.41 13.34
N VAL C 188 -46.55 -12.34 13.78
CA VAL C 188 -47.45 -13.49 13.79
C VAL C 188 -48.82 -13.02 13.27
N PRO C 189 -49.67 -13.96 12.88
CA PRO C 189 -51.06 -13.58 12.58
C PRO C 189 -51.67 -13.00 13.84
N SER C 190 -52.29 -11.83 13.71
CA SER C 190 -52.89 -11.20 14.88
C SER C 190 -53.91 -12.13 15.54
N SER C 191 -54.58 -12.99 14.78
CA SER C 191 -55.49 -13.94 15.43
C SER C 191 -54.74 -14.95 16.29
N SER C 192 -53.44 -15.13 16.07
CA SER C 192 -52.68 -16.08 16.88
C SER C 192 -52.49 -15.59 18.31
N LEU C 193 -52.66 -14.30 18.58
CA LEU C 193 -52.50 -13.82 19.95
C LEU C 193 -53.57 -14.44 20.86
N GLY C 194 -54.71 -14.82 20.29
CA GLY C 194 -55.77 -15.39 21.10
C GLY C 194 -55.54 -16.82 21.53
N THR C 195 -54.72 -17.57 20.79
CA THR C 195 -54.59 -19.00 21.03
C THR C 195 -53.16 -19.47 21.22
N GLN C 196 -52.20 -18.57 21.33
CA GLN C 196 -50.79 -18.92 21.36
C GLN C 196 -50.12 -18.11 22.46
N THR C 197 -49.14 -18.72 23.12
CA THR C 197 -48.31 -17.98 24.06
C THR C 197 -46.90 -17.84 23.50
N TYR C 198 -46.27 -16.73 23.85
CA TYR C 198 -45.01 -16.30 23.25
C TYR C 198 -44.05 -15.90 24.36
N ILE C 199 -42.89 -16.56 24.38
CA ILE C 199 -41.89 -16.40 25.45
C ILE C 199 -40.52 -16.29 24.78
N CYS C 200 -39.78 -15.22 25.10
CA CYS C 200 -38.40 -15.14 24.64
C CYS C 200 -37.49 -15.73 25.71
N ASN C 201 -36.46 -16.45 25.25
CA ASN C 201 -35.47 -17.10 26.10
C ASN C 201 -34.15 -16.37 25.88
N VAL C 202 -33.68 -15.68 26.92
CA VAL C 202 -32.51 -14.82 26.85
C VAL C 202 -31.39 -15.44 27.68
N ASN C 203 -30.23 -15.59 27.06
CA ASN C 203 -28.99 -16.05 27.68
C ASN C 203 -27.88 -15.03 27.60
N HIS C 204 -27.36 -14.65 28.76
CA HIS C 204 -26.15 -13.85 28.88
C HIS C 204 -25.20 -14.65 29.78
N LYS C 205 -24.41 -15.52 29.14
CA LYS C 205 -23.51 -16.37 29.91
C LYS C 205 -22.40 -15.61 30.66
N PRO C 206 -21.87 -14.45 30.22
CA PRO C 206 -20.84 -13.81 31.05
C PRO C 206 -21.29 -13.49 32.47
N SER C 207 -22.59 -13.29 32.68
CA SER C 207 -23.14 -13.05 34.00
C SER C 207 -23.97 -14.23 34.52
N ASN C 208 -23.97 -15.38 33.82
CA ASN C 208 -24.77 -16.54 34.23
C ASN C 208 -26.26 -16.21 34.35
N THR C 209 -26.77 -15.41 33.41
CA THR C 209 -28.17 -15.00 33.41
C THR C 209 -28.95 -15.78 32.37
N LYS C 210 -29.99 -16.49 32.80
CA LYS C 210 -30.97 -17.10 31.91
C LYS C 210 -32.34 -16.61 32.32
N VAL C 211 -33.05 -15.95 31.38
CA VAL C 211 -34.33 -15.33 31.66
C VAL C 211 -35.33 -15.78 30.59
N ASP C 212 -36.53 -16.16 31.01
CA ASP C 212 -37.66 -16.37 30.11
C ASP C 212 -38.70 -15.30 30.41
N LYS C 213 -39.18 -14.63 29.37
CA LYS C 213 -40.09 -13.53 29.55
C LYS C 213 -41.30 -13.78 28.67
N LYS C 214 -42.48 -13.83 29.28
CA LYS C 214 -43.71 -14.03 28.54
C LYS C 214 -44.19 -12.70 28.00
N VAL C 215 -44.59 -12.67 26.73
CA VAL C 215 -45.03 -11.45 26.07
C VAL C 215 -46.51 -11.59 25.70
N GLU C 216 -47.34 -10.73 26.26
CA GLU C 216 -48.77 -10.78 25.99
C GLU C 216 -49.31 -9.36 25.88
N PRO C 217 -50.50 -9.19 25.27
CA PRO C 217 -51.04 -7.81 25.21
C PRO C 217 -51.52 -7.29 26.57
N GLU D 1 -0.41 10.56 1.39
CA GLU D 1 -0.37 9.11 1.24
C GLU D 1 -1.41 8.65 0.21
N ILE D 2 -1.40 7.36 -0.08
CA ILE D 2 -2.39 6.77 -0.97
C ILE D 2 -3.70 6.57 -0.22
N VAL D 3 -4.80 7.09 -0.79
CA VAL D 3 -6.15 6.94 -0.26
C VAL D 3 -7.02 6.30 -1.34
N LEU D 4 -7.58 5.14 -1.03
CA LEU D 4 -8.39 4.38 -1.98
C LEU D 4 -9.87 4.60 -1.69
N THR D 5 -10.64 4.98 -2.70
CA THR D 5 -12.09 5.12 -2.57
C THR D 5 -12.81 4.15 -3.50
N GLN D 6 -13.74 3.38 -2.96
CA GLN D 6 -14.45 2.38 -3.74
C GLN D 6 -15.86 2.87 -4.09
N SER D 7 -16.36 2.40 -5.22
CA SER D 7 -17.68 2.81 -5.73
C SER D 7 -18.22 1.58 -6.45
N PRO D 8 -19.53 1.29 -6.35
CA PRO D 8 -20.37 2.02 -5.44
C PRO D 8 -20.26 1.54 -3.99
N GLY D 9 -20.91 2.22 -3.05
CA GLY D 9 -20.96 1.74 -1.66
C GLY D 9 -21.74 0.44 -1.58
N THR D 10 -22.85 0.37 -2.31
CA THR D 10 -23.61 -0.87 -2.37
C THR D 10 -23.95 -1.17 -3.81
N LEU D 11 -23.71 -2.39 -4.25
CA LEU D 11 -24.05 -2.86 -5.58
C LEU D 11 -25.17 -3.89 -5.43
N SER D 12 -26.26 -3.70 -6.19
CA SER D 12 -27.44 -4.57 -6.10
C SER D 12 -27.64 -5.27 -7.42
N LEU D 13 -27.52 -6.59 -7.42
CA LEU D 13 -27.54 -7.36 -8.65
C LEU D 13 -28.12 -8.73 -8.35
N SER D 14 -28.35 -9.51 -9.42
CA SER D 14 -28.98 -10.80 -9.32
C SER D 14 -28.03 -11.91 -9.79
N PRO D 15 -28.19 -13.12 -9.29
CA PRO D 15 -27.37 -14.23 -9.77
C PRO D 15 -27.38 -14.30 -11.29
N GLY D 16 -26.19 -14.54 -11.87
CA GLY D 16 -26.03 -14.59 -13.30
C GLY D 16 -25.70 -13.27 -13.95
N GLU D 17 -25.94 -12.15 -13.25
CA GLU D 17 -25.59 -10.84 -13.77
C GLU D 17 -24.09 -10.54 -13.62
N ARG D 18 -23.69 -9.38 -14.10
CA ARG D 18 -22.29 -9.04 -14.22
C ARG D 18 -22.02 -7.96 -13.17
N ALA D 19 -21.08 -8.19 -12.25
CA ALA D 19 -20.79 -7.12 -11.29
C ALA D 19 -19.49 -6.42 -11.68
N THR D 20 -19.51 -5.09 -11.59
CA THR D 20 -18.34 -4.26 -11.86
C THR D 20 -18.10 -3.33 -10.67
N LEU D 21 -16.94 -3.46 -10.04
CA LEU D 21 -16.63 -2.72 -8.82
C LEU D 21 -15.40 -1.86 -9.07
N SER D 22 -15.48 -0.60 -8.66
CA SER D 22 -14.45 0.38 -8.95
C SER D 22 -13.67 0.74 -7.69
N CYS D 23 -12.36 0.95 -7.88
CA CYS D 23 -11.42 1.39 -6.85
C CYS D 23 -10.61 2.53 -7.44
N ARG D 24 -10.76 3.73 -6.87
CA ARG D 24 -10.02 4.91 -7.32
C ARG D 24 -9.01 5.36 -6.28
N ALA D 25 -7.78 5.56 -6.72
CA ALA D 25 -6.68 6.00 -5.88
C ALA D 25 -6.56 7.52 -5.93
N SER D 26 -6.20 8.09 -4.79
CA SER D 26 -6.03 9.53 -4.59
C SER D 26 -4.80 10.11 -5.36
N GLN D 27 -4.17 9.28 -6.18
CA GLN D 27 -2.85 9.56 -6.72
C GLN D 27 -2.55 8.43 -7.69
N SER D 28 -1.77 8.70 -8.73
CA SER D 28 -1.35 7.61 -9.60
C SER D 28 -0.52 6.60 -8.80
N VAL D 29 -0.76 5.32 -9.03
CA VAL D 29 -0.10 4.27 -8.25
C VAL D 29 0.26 3.11 -9.17
N SER D 30 1.26 2.35 -8.75
CA SER D 30 1.69 1.17 -9.49
C SER D 30 0.60 0.10 -9.44
N SER D 31 0.28 -0.47 -10.61
CA SER D 31 -0.69 -1.55 -10.69
C SER D 31 -0.16 -2.83 -10.06
N SER D 32 1.16 -2.91 -9.84
CA SER D 32 1.81 -4.09 -9.28
C SER D 32 1.38 -4.35 -7.83
N TYR D 33 0.81 -3.35 -7.16
CA TYR D 33 0.50 -3.44 -5.73
C TYR D 33 -0.98 -3.53 -5.44
N LEU D 34 -1.84 -3.56 -6.45
CA LEU D 34 -3.27 -3.45 -6.20
C LEU D 34 -3.89 -4.84 -6.07
N ALA D 35 -4.47 -5.13 -4.91
CA ALA D 35 -5.07 -6.42 -4.64
C ALA D 35 -6.54 -6.25 -4.28
N TRP D 36 -7.35 -7.26 -4.61
CA TRP D 36 -8.77 -7.30 -4.25
C TRP D 36 -9.00 -8.42 -3.25
N TYR D 37 -9.93 -8.21 -2.30
CA TYR D 37 -10.28 -9.18 -1.28
C TYR D 37 -11.79 -9.34 -1.16
N GLN D 38 -12.23 -10.56 -0.87
CA GLN D 38 -13.62 -10.86 -0.58
C GLN D 38 -13.77 -11.17 0.91
N GLN D 39 -14.84 -10.64 1.53
CA GLN D 39 -15.13 -11.01 2.91
C GLN D 39 -16.60 -11.32 3.05
N LYS D 40 -16.89 -12.52 3.49
CA LYS D 40 -18.21 -13.03 3.85
C LYS D 40 -18.45 -12.81 5.34
N PRO D 41 -19.70 -12.73 5.76
CA PRO D 41 -19.96 -12.34 7.16
C PRO D 41 -19.32 -13.29 8.15
N GLY D 42 -18.68 -12.71 9.17
CA GLY D 42 -17.94 -13.46 10.17
C GLY D 42 -16.64 -14.10 9.72
N GLN D 43 -16.24 -13.95 8.45
CA GLN D 43 -15.07 -14.65 7.93
C GLN D 43 -13.88 -13.72 7.72
N ALA D 44 -12.70 -14.30 7.66
CA ALA D 44 -11.53 -13.53 7.34
C ALA D 44 -11.56 -13.14 5.85
N PRO D 45 -10.90 -12.05 5.48
CA PRO D 45 -10.76 -11.71 4.05
C PRO D 45 -10.12 -12.84 3.25
N ARG D 46 -10.47 -12.90 1.96
CA ARG D 46 -9.90 -13.86 1.02
C ARG D 46 -9.32 -13.08 -0.17
N LEU D 47 -8.05 -13.32 -0.47
CA LEU D 47 -7.41 -12.69 -1.64
C LEU D 47 -8.00 -13.25 -2.93
N LEU D 48 -8.44 -12.34 -3.80
CA LEU D 48 -8.95 -12.68 -5.13
C LEU D 48 -7.94 -12.37 -6.23
N ILE D 49 -7.42 -11.14 -6.23
CA ILE D 49 -6.60 -10.60 -7.30
C ILE D 49 -5.37 -9.94 -6.68
N TYR D 50 -4.21 -10.12 -7.33
CA TYR D 50 -3.01 -9.37 -6.98
C TYR D 50 -2.42 -8.77 -8.24
N GLY D 51 -1.65 -7.70 -8.08
CA GLY D 51 -1.09 -7.03 -9.24
C GLY D 51 -2.15 -6.56 -10.21
N ALA D 52 -3.30 -6.13 -9.69
CA ALA D 52 -4.40 -5.51 -10.42
C ALA D 52 -5.16 -6.51 -11.29
N SER D 53 -4.47 -7.54 -11.81
CA SER D 53 -5.11 -8.43 -12.79
C SER D 53 -4.77 -9.91 -12.66
N SER D 54 -3.97 -10.33 -11.70
CA SER D 54 -3.61 -11.75 -11.59
C SER D 54 -4.51 -12.43 -10.56
N ARG D 55 -5.08 -13.57 -10.93
CA ARG D 55 -5.94 -14.31 -10.02
C ARG D 55 -5.12 -15.07 -8.98
N ALA D 56 -5.60 -15.09 -7.74
CA ALA D 56 -4.97 -15.97 -6.75
C ALA D 56 -5.28 -17.42 -7.10
N THR D 57 -4.35 -18.31 -6.74
CA THR D 57 -4.54 -19.73 -7.05
C THR D 57 -5.77 -20.24 -6.32
N GLY D 58 -6.67 -20.86 -7.07
CA GLY D 58 -7.92 -21.35 -6.53
C GLY D 58 -9.11 -20.44 -6.77
N ILE D 59 -8.89 -19.22 -7.25
CA ILE D 59 -9.99 -18.27 -7.39
C ILE D 59 -10.72 -18.58 -8.69
N PRO D 60 -12.04 -18.75 -8.65
CA PRO D 60 -12.78 -19.11 -9.86
C PRO D 60 -12.53 -18.14 -11.01
N ASP D 61 -12.69 -18.69 -12.23
CA ASP D 61 -12.42 -17.99 -13.48
C ASP D 61 -13.25 -16.73 -13.68
N ARG D 62 -14.42 -16.62 -13.05
CA ARG D 62 -15.27 -15.46 -13.28
C ARG D 62 -14.76 -14.18 -12.60
N PHE D 63 -13.77 -14.27 -11.71
CA PHE D 63 -13.21 -13.08 -11.08
C PHE D 63 -12.10 -12.52 -11.97
N SER D 64 -12.18 -11.24 -12.25
CA SER D 64 -11.31 -10.58 -13.24
C SER D 64 -10.94 -9.20 -12.73
N GLY D 65 -9.68 -8.81 -12.89
CA GLY D 65 -9.22 -7.48 -12.49
C GLY D 65 -8.56 -6.74 -13.63
N SER D 66 -8.64 -5.40 -13.56
CA SER D 66 -8.10 -4.54 -14.60
C SER D 66 -7.94 -3.12 -14.06
N GLY D 67 -7.27 -2.29 -14.85
CA GLY D 67 -7.13 -0.87 -14.55
C GLY D 67 -5.68 -0.43 -14.54
N SER D 68 -5.51 0.87 -14.34
CA SER D 68 -4.19 1.48 -14.37
C SER D 68 -4.27 2.89 -13.80
N GLY D 69 -3.12 3.40 -13.37
CA GLY D 69 -3.01 4.79 -12.95
C GLY D 69 -3.70 5.10 -11.64
N THR D 70 -4.97 5.49 -11.72
CA THR D 70 -5.78 5.73 -10.53
C THR D 70 -7.08 4.96 -10.51
N ASP D 71 -7.41 4.20 -11.56
CA ASP D 71 -8.76 3.63 -11.71
C ASP D 71 -8.65 2.14 -11.99
N PHE D 72 -9.13 1.35 -11.04
CA PHE D 72 -9.00 -0.10 -11.09
C PHE D 72 -10.37 -0.74 -10.90
N THR D 73 -10.52 -1.95 -11.43
CA THR D 73 -11.83 -2.52 -11.58
C THR D 73 -11.77 -3.99 -11.23
N LEU D 74 -12.75 -4.44 -10.44
CA LEU D 74 -12.99 -5.87 -10.24
C LEU D 74 -14.27 -6.23 -10.99
N THR D 75 -14.21 -7.30 -11.78
CA THR D 75 -15.35 -7.73 -12.59
C THR D 75 -15.65 -9.18 -12.25
N ILE D 76 -16.89 -9.43 -11.85
CA ILE D 76 -17.38 -10.78 -11.61
C ILE D 76 -18.34 -11.05 -12.75
N SER D 77 -17.98 -11.98 -13.64
CA SER D 77 -18.65 -12.01 -14.93
C SER D 77 -20.07 -12.56 -14.82
N ARG D 78 -20.30 -13.56 -13.96
CA ARG D 78 -21.61 -14.19 -13.90
C ARG D 78 -21.86 -14.67 -12.47
N LEU D 79 -22.64 -13.87 -11.74
CA LEU D 79 -22.68 -13.96 -10.28
C LEU D 79 -23.33 -15.25 -9.81
N GLU D 80 -22.61 -15.98 -8.98
CA GLU D 80 -23.09 -17.10 -8.22
C GLU D 80 -23.61 -16.63 -6.87
N PRO D 81 -24.48 -17.41 -6.21
CA PRO D 81 -25.04 -16.95 -4.91
C PRO D 81 -23.98 -16.66 -3.87
N GLU D 82 -22.89 -17.42 -3.85
CA GLU D 82 -21.83 -17.20 -2.87
C GLU D 82 -20.99 -15.96 -3.15
N ASP D 83 -21.19 -15.28 -4.28
CA ASP D 83 -20.42 -14.06 -4.55
C ASP D 83 -20.96 -12.84 -3.84
N PHE D 84 -22.11 -12.92 -3.18
CA PHE D 84 -22.68 -11.76 -2.52
C PHE D 84 -22.00 -11.60 -1.16
N ALA D 85 -21.33 -10.46 -0.98
CA ALA D 85 -20.37 -10.29 0.09
C ALA D 85 -19.84 -8.88 0.00
N VAL D 86 -18.82 -8.57 0.82
CA VAL D 86 -18.11 -7.29 0.79
C VAL D 86 -16.79 -7.50 0.07
N TYR D 87 -16.33 -6.47 -0.64
CA TYR D 87 -15.10 -6.52 -1.41
C TYR D 87 -14.25 -5.30 -1.09
N TYR D 88 -12.96 -5.53 -0.86
CA TYR D 88 -12.03 -4.46 -0.55
C TYR D 88 -10.92 -4.46 -1.57
N CYS D 89 -10.49 -3.27 -1.97
CA CYS D 89 -9.25 -3.12 -2.70
C CYS D 89 -8.15 -2.65 -1.75
N GLN D 90 -6.91 -2.83 -2.18
CA GLN D 90 -5.78 -2.53 -1.34
C GLN D 90 -4.64 -2.09 -2.23
N GLN D 91 -3.87 -1.15 -1.67
CA GLN D 91 -2.69 -0.62 -2.35
C GLN D 91 -1.53 -0.65 -1.37
N TYR D 92 -0.42 -0.05 -1.73
CA TYR D 92 0.79 -0.10 -0.88
C TYR D 92 1.70 1.08 -1.12
N GLY D 93 1.97 1.85 -0.09
CA GLY D 93 3.00 2.89 -0.16
C GLY D 93 4.15 2.32 0.62
N SER D 94 4.51 2.94 1.74
CA SER D 94 5.43 2.20 2.61
C SER D 94 4.71 1.09 3.37
N SER D 95 3.39 1.10 3.40
CA SER D 95 2.64 0.09 4.11
C SER D 95 1.29 -0.13 3.42
N PRO D 96 0.63 -1.26 3.70
CA PRO D 96 -0.69 -1.49 3.08
C PRO D 96 -1.71 -0.43 3.44
N THR D 97 -2.66 -0.24 2.53
CA THR D 97 -3.82 0.59 2.80
C THR D 97 -5.01 0.00 2.06
N PHE D 98 -6.20 0.17 2.63
CA PHE D 98 -7.41 -0.47 2.17
C PHE D 98 -8.47 0.54 1.75
N GLY D 99 -9.20 0.25 0.68
CA GLY D 99 -10.41 0.99 0.42
C GLY D 99 -11.49 0.63 1.44
N GLN D 100 -12.56 1.43 1.48
CA GLN D 100 -13.58 1.28 2.52
C GLN D 100 -14.57 0.16 2.21
N GLY D 101 -14.50 -0.45 1.05
CA GLY D 101 -15.33 -1.61 0.81
C GLY D 101 -16.62 -1.33 0.05
N THR D 102 -16.97 -2.25 -0.84
CA THR D 102 -18.24 -2.24 -1.55
C THR D 102 -19.06 -3.45 -1.14
N LYS D 103 -20.30 -3.23 -0.74
CA LYS D 103 -21.20 -4.33 -0.41
C LYS D 103 -21.94 -4.79 -1.67
N LEU D 104 -21.85 -6.07 -1.97
CA LEU D 104 -22.56 -6.67 -3.10
C LEU D 104 -23.79 -7.38 -2.55
N GLU D 105 -24.98 -6.86 -2.88
CA GLU D 105 -26.21 -7.39 -2.30
C GLU D 105 -27.17 -7.89 -3.37
N ILE D 106 -28.14 -8.66 -2.91
CA ILE D 106 -29.10 -9.29 -3.80
C ILE D 106 -30.18 -8.28 -4.17
N LYS D 107 -30.34 -8.03 -5.47
CA LYS D 107 -31.46 -7.25 -5.99
C LYS D 107 -32.76 -8.04 -5.85
N ARG D 108 -33.82 -7.35 -5.48
CA ARG D 108 -35.17 -7.88 -5.48
C ARG D 108 -36.10 -6.71 -5.72
N THR D 109 -37.40 -7.00 -5.83
CA THR D 109 -38.35 -5.92 -6.07
C THR D 109 -38.61 -5.12 -4.78
N VAL D 110 -39.19 -3.92 -4.97
CA VAL D 110 -39.49 -3.02 -3.86
C VAL D 110 -40.51 -3.66 -2.94
N ALA D 111 -40.28 -3.51 -1.62
CA ALA D 111 -41.17 -4.04 -0.60
C ALA D 111 -41.28 -3.02 0.52
N ALA D 112 -42.48 -2.50 0.73
CA ALA D 112 -42.67 -1.51 1.79
C ALA D 112 -42.54 -2.17 3.16
N PRO D 113 -42.02 -1.45 4.15
CA PRO D 113 -41.99 -2.02 5.51
C PRO D 113 -43.39 -2.09 6.11
N SER D 114 -43.61 -3.11 6.93
CA SER D 114 -44.63 -3.04 7.96
C SER D 114 -44.05 -2.29 9.15
N VAL D 115 -44.79 -1.29 9.67
CA VAL D 115 -44.30 -0.43 10.74
C VAL D 115 -45.09 -0.71 12.01
N PHE D 116 -44.38 -0.89 13.13
CA PHE D 116 -44.97 -1.09 14.44
C PHE D 116 -44.25 -0.24 15.47
N ILE D 117 -45.01 0.28 16.43
CA ILE D 117 -44.47 1.05 17.55
C ILE D 117 -44.83 0.34 18.86
N PHE D 118 -43.88 0.32 19.79
CA PHE D 118 -44.00 -0.32 21.10
C PHE D 118 -43.76 0.70 22.21
N PRO D 119 -44.75 1.00 23.04
CA PRO D 119 -44.51 1.86 24.21
C PRO D 119 -43.59 1.17 25.19
N PRO D 120 -43.01 1.91 26.14
CA PRO D 120 -42.23 1.27 27.20
C PRO D 120 -43.12 0.43 28.11
N SER D 121 -42.57 -0.69 28.59
CA SER D 121 -43.29 -1.56 29.49
C SER D 121 -43.38 -0.93 30.88
N ASP D 122 -44.34 -1.42 31.66
CA ASP D 122 -44.48 -0.94 33.05
C ASP D 122 -43.29 -1.37 33.90
N GLU D 123 -42.80 -2.61 33.70
CA GLU D 123 -41.59 -3.05 34.36
C GLU D 123 -40.45 -2.05 34.16
N GLN D 124 -40.20 -1.64 32.90
CA GLN D 124 -39.10 -0.71 32.66
C GLN D 124 -39.35 0.61 33.35
N LEU D 125 -40.57 1.14 33.26
CA LEU D 125 -40.88 2.44 33.85
C LEU D 125 -40.57 2.44 35.34
N LYS D 126 -40.84 1.32 36.02
CA LYS D 126 -40.49 1.17 37.43
C LYS D 126 -39.03 1.52 37.70
N SER D 127 -38.11 1.02 36.86
CA SER D 127 -36.68 1.25 37.09
C SER D 127 -36.19 2.64 36.68
N GLY D 128 -37.06 3.53 36.21
CA GLY D 128 -36.65 4.89 35.93
C GLY D 128 -36.25 5.23 34.50
N THR D 129 -36.29 4.27 33.56
CA THR D 129 -36.06 4.59 32.15
C THR D 129 -37.24 4.14 31.29
N ALA D 130 -37.41 4.83 30.16
CA ALA D 130 -38.40 4.47 29.16
C ALA D 130 -37.71 4.28 27.81
N SER D 131 -37.94 3.13 27.19
CA SER D 131 -37.49 2.89 25.83
C SER D 131 -38.71 2.76 24.93
N VAL D 132 -38.73 3.50 23.84
CA VAL D 132 -39.81 3.41 22.87
C VAL D 132 -39.20 2.81 21.61
N VAL D 133 -39.84 1.78 21.07
CA VAL D 133 -39.25 1.02 19.97
C VAL D 133 -40.15 1.12 18.76
N CYS D 134 -39.54 1.41 17.61
CA CYS D 134 -40.21 1.42 16.32
C CYS D 134 -39.57 0.34 15.45
N LEU D 135 -40.40 -0.46 14.80
CA LEU D 135 -39.95 -1.59 14.01
C LEU D 135 -40.39 -1.44 12.57
N LEU D 136 -39.44 -1.58 11.65
CA LEU D 136 -39.70 -1.62 10.20
C LEU D 136 -39.37 -3.04 9.76
N ASN D 137 -40.37 -3.75 9.25
CA ASN D 137 -40.27 -5.20 9.12
C ASN D 137 -40.27 -5.57 7.64
N ASN D 138 -39.20 -6.22 7.19
CA ASN D 138 -39.11 -6.88 5.89
C ASN D 138 -39.38 -5.92 4.73
N PHE D 139 -38.39 -5.06 4.49
CA PHE D 139 -38.51 -4.04 3.46
C PHE D 139 -37.29 -4.10 2.55
N TYR D 140 -37.41 -3.50 1.37
CA TYR D 140 -36.36 -3.42 0.37
C TYR D 140 -36.70 -2.27 -0.56
N PRO D 141 -35.72 -1.46 -1.00
CA PRO D 141 -34.27 -1.48 -0.69
C PRO D 141 -33.93 -0.97 0.73
N ARG D 142 -32.63 -0.90 1.04
CA ARG D 142 -32.20 -0.68 2.41
C ARG D 142 -32.51 0.74 2.90
N GLU D 143 -32.49 1.72 1.99
CA GLU D 143 -32.68 3.11 2.38
C GLU D 143 -34.04 3.33 3.02
N ALA D 144 -34.05 3.93 4.20
CA ALA D 144 -35.29 4.26 4.89
C ALA D 144 -35.02 5.34 5.91
N LYS D 145 -35.96 6.25 6.07
CA LYS D 145 -35.86 7.33 7.04
C LYS D 145 -36.85 7.09 8.17
N VAL D 146 -36.36 7.17 9.40
CA VAL D 146 -37.13 6.98 10.61
C VAL D 146 -37.04 8.29 11.41
N GLN D 147 -38.19 8.90 11.65
CA GLN D 147 -38.24 10.14 12.42
C GLN D 147 -39.12 9.93 13.63
N TRP D 148 -38.60 10.33 14.78
CA TRP D 148 -39.38 10.32 16.02
C TRP D 148 -40.01 11.69 16.22
N LYS D 149 -41.32 11.69 16.49
CA LYS D 149 -42.02 12.90 16.89
C LYS D 149 -42.68 12.66 18.23
N VAL D 150 -42.37 13.52 19.20
CA VAL D 150 -43.00 13.50 20.51
C VAL D 150 -43.81 14.79 20.65
N ASP D 151 -45.11 14.65 20.92
CA ASP D 151 -46.03 15.79 20.93
C ASP D 151 -45.85 16.64 19.67
N ASN D 152 -45.52 15.98 18.57
CA ASN D 152 -45.39 16.53 17.23
C ASN D 152 -44.09 17.30 17.03
N ALA D 153 -43.15 17.23 17.97
CA ALA D 153 -41.84 17.85 17.82
C ALA D 153 -40.82 16.82 17.36
N LEU D 154 -40.13 17.09 16.25
CA LEU D 154 -39.12 16.16 15.75
C LEU D 154 -38.01 16.01 16.79
N GLN D 155 -37.67 14.77 17.10
CA GLN D 155 -36.71 14.44 18.16
C GLN D 155 -35.41 14.02 17.52
N SER D 156 -34.29 14.68 17.89
CA SER D 156 -32.94 14.41 17.39
C SER D 156 -31.99 14.10 18.54
N GLY D 157 -31.10 13.13 18.31
CA GLY D 157 -30.00 12.88 19.21
C GLY D 157 -30.30 12.00 20.40
N ASN D 158 -31.45 11.32 20.43
CA ASN D 158 -31.72 10.38 21.51
C ASN D 158 -32.33 9.09 20.98
N SER D 159 -31.95 8.70 19.77
CA SER D 159 -32.34 7.42 19.21
C SER D 159 -31.11 6.70 18.66
N GLN D 160 -31.20 5.37 18.65
CA GLN D 160 -30.22 4.51 17.99
C GLN D 160 -30.96 3.49 17.14
N GLU D 161 -30.35 3.11 16.02
CA GLU D 161 -30.92 2.18 15.04
C GLU D 161 -30.05 0.93 14.94
N SER D 162 -30.71 -0.19 14.65
CA SER D 162 -30.02 -1.42 14.29
C SER D 162 -30.75 -2.04 13.10
N VAL D 163 -30.01 -2.70 12.22
CA VAL D 163 -30.52 -3.27 10.96
C VAL D 163 -30.05 -4.70 10.81
N THR D 164 -30.93 -5.59 10.36
CA THR D 164 -30.54 -6.97 10.17
C THR D 164 -29.77 -7.14 8.87
N GLU D 165 -29.17 -8.31 8.72
CA GLU D 165 -28.61 -8.69 7.44
C GLU D 165 -29.74 -9.09 6.49
N GLN D 166 -29.42 -9.09 5.19
CA GLN D 166 -30.41 -9.40 4.18
C GLN D 166 -31.03 -10.79 4.42
N ASP D 167 -32.35 -10.85 4.46
CA ASP D 167 -33.01 -12.09 4.86
C ASP D 167 -32.72 -13.23 3.89
N SER D 168 -32.34 -14.39 4.43
CA SER D 168 -31.92 -15.48 3.58
C SER D 168 -33.05 -15.98 2.67
N LYS D 169 -34.31 -15.83 3.10
CA LYS D 169 -35.46 -16.31 2.34
C LYS D 169 -36.03 -15.27 1.39
N ASP D 170 -36.31 -14.04 1.84
CA ASP D 170 -36.99 -13.09 0.98
C ASP D 170 -36.13 -11.90 0.61
N SER D 171 -34.87 -11.85 1.07
CA SER D 171 -33.88 -10.84 0.69
C SER D 171 -34.22 -9.43 1.18
N THR D 172 -35.08 -9.30 2.19
CA THR D 172 -35.39 -7.98 2.72
C THR D 172 -34.50 -7.62 3.89
N TYR D 173 -34.67 -6.41 4.38
CA TYR D 173 -34.08 -5.91 5.61
C TYR D 173 -35.17 -5.65 6.62
N SER D 174 -34.81 -5.67 7.90
CA SER D 174 -35.64 -5.11 8.94
C SER D 174 -34.79 -4.18 9.79
N LEU D 175 -35.44 -3.21 10.42
CA LEU D 175 -34.77 -2.14 11.15
C LEU D 175 -35.48 -1.90 12.47
N SER D 176 -34.68 -1.65 13.49
CA SER D 176 -35.12 -1.37 14.86
C SER D 176 -34.60 0.00 15.24
N SER D 177 -35.50 0.90 15.65
CA SER D 177 -35.12 2.22 16.14
C SER D 177 -35.62 2.40 17.56
N THR D 178 -34.73 2.79 18.45
CA THR D 178 -35.04 2.91 19.87
C THR D 178 -34.84 4.35 20.34
N LEU D 179 -35.89 4.93 20.89
CA LEU D 179 -35.87 6.25 21.51
C LEU D 179 -35.77 6.08 23.02
N THR D 180 -34.77 6.70 23.64
CA THR D 180 -34.52 6.50 25.06
C THR D 180 -34.72 7.81 25.84
N LEU D 181 -35.52 7.72 26.91
CA LEU D 181 -35.92 8.83 27.74
C LEU D 181 -35.89 8.41 29.19
N SER D 182 -35.72 9.38 30.09
CA SER D 182 -35.96 9.09 31.50
C SER D 182 -37.44 8.95 31.76
N LYS D 183 -37.78 8.24 32.84
CA LYS D 183 -39.18 8.11 33.22
C LYS D 183 -39.85 9.48 33.35
N ALA D 184 -39.16 10.41 34.02
CA ALA D 184 -39.71 11.75 34.20
C ALA D 184 -39.93 12.45 32.87
N ASP D 185 -38.96 12.38 31.95
CA ASP D 185 -39.18 13.01 30.64
C ASP D 185 -40.32 12.34 29.92
N TYR D 186 -40.36 11.00 29.96
CA TYR D 186 -41.41 10.28 29.24
C TYR D 186 -42.79 10.71 29.70
N GLU D 187 -42.95 11.02 30.99
CA GLU D 187 -44.26 11.40 31.49
C GLU D 187 -44.57 12.88 31.31
N LYS D 188 -43.61 13.66 30.80
CA LYS D 188 -43.91 15.04 30.42
C LYS D 188 -44.73 15.15 29.14
N HIS D 189 -44.93 14.05 28.40
CA HIS D 189 -45.40 14.12 27.02
C HIS D 189 -46.50 13.09 26.77
N LYS D 190 -47.30 13.36 25.75
CA LYS D 190 -48.47 12.55 25.46
C LYS D 190 -48.33 11.69 24.21
N VAL D 191 -47.99 12.28 23.05
CA VAL D 191 -48.05 11.56 21.77
C VAL D 191 -46.64 11.14 21.37
N TYR D 192 -46.46 9.82 21.18
CA TYR D 192 -45.21 9.23 20.74
C TYR D 192 -45.45 8.62 19.38
N ALA D 193 -44.70 9.09 18.37
CA ALA D 193 -44.98 8.74 16.99
C ALA D 193 -43.69 8.43 16.25
N CYS D 194 -43.76 7.41 15.41
CA CYS D 194 -42.67 6.97 14.56
C CYS D 194 -43.10 7.18 13.12
N GLU D 195 -42.34 7.98 12.36
CA GLU D 195 -42.69 8.31 10.98
C GLU D 195 -41.67 7.69 10.03
N VAL D 196 -42.14 6.84 9.12
CA VAL D 196 -41.28 6.07 8.23
C VAL D 196 -41.46 6.56 6.79
N THR D 197 -40.34 6.83 6.14
CA THR D 197 -40.30 7.12 4.70
C THR D 197 -39.54 6.01 4.00
N HIS D 198 -40.12 5.49 2.92
CA HIS D 198 -39.53 4.40 2.17
C HIS D 198 -40.05 4.47 0.76
N GLN D 199 -39.18 4.11 -0.20
CA GLN D 199 -39.57 4.17 -1.60
C GLN D 199 -40.83 3.35 -1.88
N GLY D 200 -41.02 2.23 -1.18
CA GLY D 200 -42.19 1.41 -1.33
C GLY D 200 -43.47 1.95 -0.75
N LEU D 201 -43.48 3.16 -0.21
CA LEU D 201 -44.69 3.73 0.38
C LEU D 201 -45.05 4.99 -0.41
N SER D 202 -46.32 5.12 -0.78
CA SER D 202 -46.72 6.28 -1.58
C SER D 202 -46.57 7.58 -0.81
N SER D 203 -46.68 7.54 0.52
CA SER D 203 -46.46 8.68 1.38
C SER D 203 -45.99 8.17 2.75
N PRO D 204 -45.43 9.04 3.58
CA PRO D 204 -44.88 8.55 4.87
C PRO D 204 -45.96 7.96 5.78
N VAL D 205 -45.58 6.89 6.49
CA VAL D 205 -46.47 6.14 7.36
C VAL D 205 -46.11 6.47 8.81
N THR D 206 -47.12 6.82 9.60
CA THR D 206 -46.91 7.15 11.01
C THR D 206 -47.64 6.12 11.87
N LYS D 207 -46.91 5.51 12.79
CA LYS D 207 -47.50 4.76 13.88
C LYS D 207 -47.26 5.51 15.17
N SER D 208 -48.31 5.63 15.98
CA SER D 208 -48.20 6.40 17.22
C SER D 208 -49.03 5.73 18.30
N PHE D 209 -48.84 6.22 19.52
CA PHE D 209 -49.71 5.92 20.65
C PHE D 209 -49.71 7.13 21.57
N ASN D 210 -50.70 7.18 22.46
CA ASN D 210 -50.77 8.20 23.50
C ASN D 210 -50.39 7.58 24.84
N ARG D 211 -49.43 8.18 25.54
CA ARG D 211 -49.05 7.69 26.85
C ARG D 211 -50.27 7.60 27.76
N GLY D 212 -50.51 6.41 28.30
CA GLY D 212 -51.56 6.22 29.27
C GLY D 212 -52.94 5.94 28.72
N GLU D 213 -53.12 5.86 27.41
CA GLU D 213 -54.41 5.52 26.82
C GLU D 213 -54.30 4.15 26.16
N CYS D 214 -55.20 3.25 26.55
CA CYS D 214 -55.28 1.90 25.95
C CYS D 214 -55.85 1.95 24.54
C1 NAG E . 26.94 13.48 -20.63
C2 NAG E . 26.35 13.77 -22.03
C3 NAG E . 26.11 15.26 -22.22
C4 NAG E . 25.29 15.82 -21.07
C5 NAG E . 25.98 15.48 -19.75
C6 NAG E . 25.26 15.97 -18.51
C7 NAG E . 26.96 12.30 -23.93
C8 NAG E . 25.58 11.69 -23.82
N2 NAG E . 27.25 13.27 -23.06
O3 NAG E . 25.47 15.51 -23.47
O4 NAG E . 25.19 17.23 -21.22
O5 NAG E . 26.09 14.05 -19.64
O6 NAG E . 23.90 15.56 -18.43
O7 NAG E . 27.76 11.92 -24.77
C1 NAG E . 23.84 17.69 -21.41
C2 NAG E . 23.91 19.17 -21.15
C3 NAG E . 22.54 19.81 -21.37
C4 NAG E . 22.07 19.53 -22.78
C5 NAG E . 22.02 18.01 -23.01
C6 NAG E . 21.66 17.63 -24.43
C7 NAG E . 25.71 19.74 -19.58
C8 NAG E . 26.07 20.03 -18.16
N2 NAG E . 24.42 19.47 -19.82
O3 NAG E . 22.61 21.21 -21.13
O4 NAG E . 20.80 20.14 -23.03
O5 NAG E . 23.31 17.43 -22.72
O6 NAG E . 22.78 17.74 -25.32
O7 NAG E . 26.55 19.76 -20.49
#